data_7YAV
#
_entry.id   7YAV
#
_cell.length_a   82.783
_cell.length_b   104.521
_cell.length_c   141.657
_cell.angle_alpha   90.000
_cell.angle_beta   90.000
_cell.angle_gamma   90.000
#
_symmetry.space_group_name_H-M   'P 21 21 21'
#
loop_
_entity.id
_entity.type
_entity.pdbx_description
1 polymer MaDA1
2 non-polymer 'FLAVIN-ADENINE DINUCLEOTIDE'
3 non-polymer 2-acetamido-2-deoxy-beta-D-glucopyranose
4 water water
#
_entity_poly.entity_id   1
_entity_poly.type   'polypeptide(L)'
_entity_poly.pdbx_seq_one_letter_code
;MKSSFVFAKIAILLFSLVLLASANHTHEEFLQCLSSRIPKSIIYASNNPSYSNVLDSTTQNPRFLSSSTRNPSVIVTPFK
ISHIQPTIYCSKKHGVQIRIRSGGHDYEGLSYQSSVPFFILDLRNINSIQVDVEKKSAWVEAGATLGELYYSIAKKSKTL
GFPGGLCSTVGVGGQLGGGGYGYQSRTYGLASDNIIDAQLIDARGRILNRKSMGEDLFWAIRGGGAGSFGIVIAWKVRLI
DVPSTVTVFETVRMWEDNVTKKFVHRYQRRASNIDKDLTIFLGFRTTNTSDEQGNSKIQIITIISATFHGSRDRLLPLMQ
EEFPELGLGKEDFKEMSWVQSIVHYNNYKDDDPLEVLLNKTVNFEPNPFKLKSDYVKKPIPDDVLEKLLARLYEEDIGYD
FVEFFPYGGKLSEISESEIPFPHRAGNLYNLRYMASWKQGENTTRINNHLSWVRSVYDSMTPYVSKNPRGAYLNFRDLDI
GVNPNESDTTSAYNYVKQASVWGTKYFKNNFYKMVFIKTLVDPTNFFTYEQSIPPILHH
;
_entity_poly.pdbx_strand_id   B,A
#
loop_
_chem_comp.id
_chem_comp.type
_chem_comp.name
_chem_comp.formula
FAD non-polymer 'FLAVIN-ADENINE DINUCLEOTIDE' 'C27 H33 N9 O15 P2'
NAG D-saccharide, beta linking 2-acetamido-2-deoxy-beta-D-glucopyranose 'C8 H15 N O6'
#
# COMPACT_ATOMS: atom_id res chain seq x y z
N PHE A 30 -19.67 38.41 -11.21
CA PHE A 30 -18.48 37.59 -11.54
C PHE A 30 -17.80 38.16 -12.77
N LEU A 31 -18.60 38.38 -13.82
CA LEU A 31 -18.04 38.85 -15.09
C LEU A 31 -17.47 40.27 -14.96
N GLN A 32 -18.12 41.13 -14.18
CA GLN A 32 -17.57 42.47 -13.94
C GLN A 32 -16.19 42.38 -13.30
N CYS A 33 -16.07 41.54 -12.26
CA CYS A 33 -14.81 41.38 -11.54
C CYS A 33 -13.70 40.92 -12.48
N LEU A 34 -14.01 39.98 -13.39
CA LEU A 34 -13.02 39.52 -14.35
C LEU A 34 -12.60 40.63 -15.31
N SER A 35 -13.57 41.34 -15.87
CA SER A 35 -13.23 42.25 -16.96
C SER A 35 -12.47 43.48 -16.49
N SER A 36 -12.56 43.82 -15.20
CA SER A 36 -11.71 44.89 -14.67
C SER A 36 -10.35 44.39 -14.22
N ARG A 37 -10.01 43.12 -14.47
CA ARG A 37 -8.75 42.57 -14.00
C ARG A 37 -7.95 41.76 -15.04
N ILE A 38 -8.58 41.22 -16.08
CA ILE A 38 -7.86 40.45 -17.09
C ILE A 38 -8.33 40.92 -18.46
N PRO A 39 -7.54 40.71 -19.51
CA PRO A 39 -7.91 41.26 -20.82
C PRO A 39 -9.18 40.63 -21.36
N LYS A 40 -10.03 41.48 -21.95
CA LYS A 40 -11.27 41.02 -22.53
C LYS A 40 -11.04 39.91 -23.53
N SER A 41 -9.86 39.89 -24.17
CA SER A 41 -9.57 38.92 -25.21
C SER A 41 -9.51 37.49 -24.68
N ILE A 42 -9.38 37.27 -23.37
CA ILE A 42 -9.35 35.91 -22.85
C ILE A 42 -10.66 35.54 -22.13
N ILE A 43 -11.70 36.34 -22.32
CA ILE A 43 -12.97 36.16 -21.62
C ILE A 43 -14.03 35.80 -22.64
N TYR A 44 -14.64 34.62 -22.50
CA TYR A 44 -15.75 34.21 -23.37
C TYR A 44 -17.00 33.99 -22.52
N ALA A 45 -17.91 34.96 -22.55
CA ALA A 45 -19.20 34.78 -21.90
C ALA A 45 -20.22 34.21 -22.88
N SER A 46 -21.38 33.83 -22.36
CA SER A 46 -22.44 33.24 -23.19
C SER A 46 -22.79 34.10 -24.40
N ASN A 47 -22.81 35.42 -24.21
CA ASN A 47 -23.18 36.31 -25.30
C ASN A 47 -22.13 36.37 -26.40
N ASN A 48 -20.91 35.91 -26.14
CA ASN A 48 -19.85 36.00 -27.13
C ASN A 48 -20.13 35.00 -28.24
N PRO A 49 -20.03 35.40 -29.51
CA PRO A 49 -20.40 34.46 -30.58
C PRO A 49 -19.47 33.26 -30.67
N SER A 50 -18.26 33.33 -30.11
CA SER A 50 -17.32 32.23 -30.17
C SER A 50 -17.39 31.33 -28.94
N TYR A 51 -18.22 31.67 -27.97
CA TYR A 51 -18.35 30.89 -26.75
C TYR A 51 -18.69 29.44 -27.05
N SER A 52 -19.64 29.21 -27.96
CA SER A 52 -20.07 27.85 -28.26
C SER A 52 -18.95 27.04 -28.90
N ASN A 53 -18.17 27.66 -29.79
CA ASN A 53 -17.03 26.97 -30.38
C ASN A 53 -16.00 26.61 -29.32
N VAL A 54 -15.66 27.55 -28.43
CA VAL A 54 -14.67 27.26 -27.39
C VAL A 54 -15.18 26.18 -26.45
N LEU A 55 -16.46 26.24 -26.11
CA LEU A 55 -17.06 25.22 -25.24
C LEU A 55 -17.06 23.85 -25.89
N ASP A 56 -17.56 23.77 -27.14
CA ASP A 56 -17.67 22.47 -27.80
C ASP A 56 -16.31 21.91 -28.20
N SER A 57 -15.34 22.78 -28.50
CA SER A 57 -14.10 22.34 -29.12
C SER A 57 -13.42 21.25 -28.30
N THR A 58 -13.51 21.30 -26.97
CA THR A 58 -12.93 20.27 -26.12
C THR A 58 -13.97 19.67 -25.17
N THR A 59 -15.20 19.55 -25.66
CA THR A 59 -16.18 18.64 -25.07
C THR A 59 -15.96 17.28 -25.72
N GLN A 60 -15.09 16.47 -25.13
CA GLN A 60 -14.56 15.31 -25.86
C GLN A 60 -15.44 14.06 -25.75
N ASN A 61 -16.36 13.96 -24.78
CA ASN A 61 -17.34 12.90 -24.79
C ASN A 61 -18.65 13.44 -25.39
N PRO A 62 -19.00 13.07 -26.63
CA PRO A 62 -20.18 13.67 -27.29
C PRO A 62 -21.48 13.47 -26.55
N ARG A 63 -21.53 12.56 -25.59
CA ARG A 63 -22.71 12.39 -24.76
C ARG A 63 -23.16 13.70 -24.14
N PHE A 64 -22.22 14.55 -23.76
CA PHE A 64 -22.56 15.75 -23.00
C PHE A 64 -22.87 16.95 -23.89
N LEU A 65 -22.89 16.76 -25.21
CA LEU A 65 -23.25 17.87 -26.10
C LEU A 65 -24.69 18.35 -25.89
N SER A 66 -25.53 17.54 -25.24
CA SER A 66 -26.89 17.95 -24.91
C SER A 66 -27.13 18.01 -23.40
N SER A 67 -26.07 18.13 -22.61
CA SER A 67 -26.21 18.18 -21.15
C SER A 67 -26.65 19.57 -20.71
N SER A 68 -27.65 19.62 -19.83
CA SER A 68 -28.09 20.90 -19.30
C SER A 68 -27.10 21.49 -18.31
N THR A 69 -26.17 20.68 -17.79
CA THR A 69 -25.15 21.21 -16.88
C THR A 69 -23.88 21.66 -17.60
N ARG A 70 -23.87 21.65 -18.94
CA ARG A 70 -22.70 22.12 -19.68
C ARG A 70 -22.91 23.56 -20.11
N ASN A 71 -23.06 24.43 -19.11
CA ASN A 71 -23.40 25.85 -19.32
C ASN A 71 -22.58 26.72 -18.37
N PRO A 72 -21.25 26.78 -18.57
CA PRO A 72 -20.45 27.73 -17.80
C PRO A 72 -20.89 29.15 -18.11
N SER A 73 -20.83 30.03 -17.10
CA SER A 73 -21.20 31.41 -17.35
C SER A 73 -20.11 32.13 -18.13
N VAL A 74 -18.87 31.72 -17.96
CA VAL A 74 -17.73 32.28 -18.66
C VAL A 74 -16.72 31.16 -18.91
N ILE A 75 -16.04 31.22 -20.05
CA ILE A 75 -14.83 30.45 -20.26
C ILE A 75 -13.67 31.43 -20.35
N VAL A 76 -12.65 31.22 -19.52
CA VAL A 76 -11.44 32.04 -19.51
C VAL A 76 -10.28 31.22 -20.06
N THR A 77 -9.58 31.78 -21.07
CA THR A 77 -8.49 31.12 -21.80
C THR A 77 -7.20 31.92 -21.63
N PRO A 78 -6.54 31.82 -20.48
CA PRO A 78 -5.33 32.63 -20.25
C PRO A 78 -4.24 32.31 -21.26
N PHE A 79 -3.43 33.31 -21.58
CA PHE A 79 -2.23 33.08 -22.36
C PHE A 79 -0.95 33.41 -21.60
N LYS A 80 -1.07 33.85 -20.34
CA LYS A 80 0.11 33.93 -19.47
C LYS A 80 -0.33 33.64 -18.05
N ILE A 81 0.64 33.33 -17.20
CA ILE A 81 0.35 32.85 -15.85
C ILE A 81 -0.36 33.91 -15.01
N SER A 82 0.01 35.20 -15.18
CA SER A 82 -0.58 36.25 -14.34
C SER A 82 -2.08 36.43 -14.58
N HIS A 83 -2.61 35.89 -15.69
CA HIS A 83 -4.06 35.91 -15.91
C HIS A 83 -4.82 35.05 -14.91
N ILE A 84 -4.16 34.10 -14.25
CA ILE A 84 -4.91 33.10 -13.50
C ILE A 84 -5.28 33.59 -12.10
N GLN A 85 -4.34 34.22 -11.39
CA GLN A 85 -4.62 34.66 -10.03
C GLN A 85 -5.89 35.51 -9.90
N PRO A 86 -6.19 36.46 -10.79
CA PRO A 86 -7.45 37.19 -10.64
C PRO A 86 -8.68 36.32 -10.82
N THR A 87 -8.61 35.25 -11.62
CA THR A 87 -9.81 34.43 -11.78
C THR A 87 -10.12 33.66 -10.50
N ILE A 88 -9.08 33.29 -9.74
CA ILE A 88 -9.30 32.66 -8.44
C ILE A 88 -10.01 33.64 -7.51
N TYR A 89 -9.48 34.85 -7.42
CA TYR A 89 -10.06 35.89 -6.58
C TYR A 89 -11.53 36.13 -6.94
N CYS A 90 -11.81 36.36 -8.21
CA CYS A 90 -13.19 36.64 -8.62
C CYS A 90 -14.09 35.44 -8.36
N SER A 91 -13.58 34.23 -8.55
CA SER A 91 -14.39 33.03 -8.31
C SER A 91 -14.80 32.92 -6.85
N LYS A 92 -13.83 33.07 -5.92
CA LYS A 92 -14.14 33.02 -4.49
C LYS A 92 -15.14 34.10 -4.08
N LYS A 93 -14.91 35.34 -4.53
CA LYS A 93 -15.70 36.45 -4.04
C LYS A 93 -17.15 36.39 -4.50
N HIS A 94 -17.44 35.71 -5.60
CA HIS A 94 -18.78 35.74 -6.16
C HIS A 94 -19.42 34.36 -6.20
N GLY A 95 -18.81 33.37 -5.56
CA GLY A 95 -19.41 32.06 -5.44
C GLY A 95 -19.56 31.30 -6.73
N VAL A 96 -18.69 31.53 -7.72
CA VAL A 96 -18.75 30.84 -9.00
C VAL A 96 -17.67 29.77 -9.01
N GLN A 97 -18.09 28.50 -9.13
CA GLN A 97 -17.19 27.37 -8.94
C GLN A 97 -16.21 27.24 -10.11
N ILE A 98 -14.96 26.89 -9.80
CA ILE A 98 -13.97 26.71 -10.86
C ILE A 98 -14.06 25.29 -11.41
N ARG A 99 -13.99 25.17 -12.73
CA ARG A 99 -13.79 23.89 -13.41
C ARG A 99 -12.57 24.04 -14.32
N ILE A 100 -11.54 23.24 -14.07
CA ILE A 100 -10.27 23.36 -14.78
C ILE A 100 -10.33 22.47 -16.00
N ARG A 101 -10.05 23.01 -17.18
CA ARG A 101 -10.00 22.20 -18.39
C ARG A 101 -8.65 22.34 -19.07
N SER A 102 -8.03 21.21 -19.36
CA SER A 102 -6.83 21.18 -20.19
C SER A 102 -7.16 20.53 -21.53
N GLY A 103 -7.19 19.19 -21.59
CA GLY A 103 -7.57 18.51 -22.82
C GLY A 103 -9.06 18.29 -22.93
N GLY A 104 -9.76 18.37 -21.81
CA GLY A 104 -11.20 18.13 -21.82
C GLY A 104 -11.58 16.69 -22.04
N HIS A 105 -10.67 15.75 -21.83
CA HIS A 105 -10.98 14.35 -22.07
C HIS A 105 -11.56 13.62 -20.86
N ASP A 106 -11.85 14.32 -19.76
CA ASP A 106 -12.46 13.66 -18.60
C ASP A 106 -13.68 12.87 -19.05
N TYR A 107 -13.71 11.58 -18.71
CA TYR A 107 -14.74 10.72 -19.31
C TYR A 107 -16.13 11.07 -18.80
N GLU A 108 -16.25 11.69 -17.62
CA GLU A 108 -17.52 12.22 -17.15
C GLU A 108 -17.71 13.70 -17.49
N GLY A 109 -16.81 14.28 -18.27
CA GLY A 109 -16.90 15.71 -18.60
C GLY A 109 -16.95 16.65 -17.42
N LEU A 110 -16.20 16.33 -16.35
CA LEU A 110 -16.25 17.19 -15.16
C LEU A 110 -15.51 18.51 -15.37
N SER A 111 -14.62 18.59 -16.35
CA SER A 111 -13.91 19.82 -16.65
C SER A 111 -14.80 20.87 -17.34
N TYR A 112 -16.07 20.56 -17.64
CA TYR A 112 -16.90 21.51 -18.35
C TYR A 112 -18.38 21.40 -17.97
N GLN A 113 -18.68 20.80 -16.83
CA GLN A 113 -20.04 20.71 -16.32
C GLN A 113 -20.04 20.91 -14.83
N SER A 114 -21.19 21.34 -14.32
CA SER A 114 -21.44 21.45 -12.89
C SER A 114 -22.93 21.68 -12.68
N SER A 115 -23.43 21.19 -11.56
CA SER A 115 -24.80 21.50 -11.18
C SER A 115 -24.91 22.77 -10.34
N VAL A 116 -23.82 23.51 -10.13
CA VAL A 116 -23.88 24.82 -9.49
C VAL A 116 -23.27 25.83 -10.46
N PRO A 117 -23.55 27.12 -10.26
CA PRO A 117 -22.95 28.13 -11.15
C PRO A 117 -21.43 27.98 -11.17
N PHE A 118 -20.87 27.96 -12.38
CA PHE A 118 -19.46 27.65 -12.53
C PHE A 118 -18.90 28.38 -13.73
N PHE A 119 -17.57 28.36 -13.84
CA PHE A 119 -16.86 28.85 -15.01
C PHE A 119 -15.72 27.88 -15.32
N ILE A 120 -15.23 27.93 -16.55
CA ILE A 120 -14.14 27.06 -16.99
C ILE A 120 -12.87 27.89 -17.11
N LEU A 121 -11.84 27.49 -16.38
CA LEU A 121 -10.48 27.98 -16.61
C LEU A 121 -9.88 27.00 -17.61
N ASP A 122 -9.74 27.45 -18.85
CA ASP A 122 -9.33 26.60 -19.96
C ASP A 122 -7.90 26.93 -20.31
N LEU A 123 -7.00 25.95 -20.15
CA LEU A 123 -5.56 26.21 -20.23
C LEU A 123 -4.97 25.87 -21.59
N ARG A 124 -5.80 25.74 -22.63
CA ARG A 124 -5.29 25.35 -23.95
C ARG A 124 -4.14 26.23 -24.45
N ASN A 125 -4.13 27.53 -24.12
CA ASN A 125 -3.03 28.36 -24.62
C ASN A 125 -1.78 28.30 -23.73
N ILE A 126 -1.87 27.66 -22.57
CA ILE A 126 -0.72 27.49 -21.67
C ILE A 126 -0.10 26.16 -22.05
N ASN A 127 0.75 26.18 -23.10
CA ASN A 127 1.05 24.94 -23.79
C ASN A 127 2.49 24.83 -24.28
N SER A 128 3.42 25.54 -23.67
CA SER A 128 4.82 25.45 -24.08
C SER A 128 5.45 24.14 -23.62
N ILE A 129 6.43 23.68 -24.38
CA ILE A 129 7.14 22.42 -24.12
C ILE A 129 8.63 22.67 -24.29
N GLN A 130 9.42 22.34 -23.27
CA GLN A 130 10.86 22.43 -23.32
C GLN A 130 11.42 21.02 -23.16
N VAL A 131 12.14 20.53 -24.18
CA VAL A 131 12.70 19.19 -24.19
C VAL A 131 14.22 19.30 -24.06
N ASP A 132 14.78 18.65 -23.04
CA ASP A 132 16.23 18.61 -22.84
C ASP A 132 16.71 17.18 -23.11
N VAL A 133 17.24 16.94 -24.30
CA VAL A 133 17.64 15.59 -24.69
C VAL A 133 18.84 15.11 -23.88
N GLU A 134 19.74 16.02 -23.48
CA GLU A 134 20.93 15.58 -22.75
C GLU A 134 20.58 15.19 -21.31
N LYS A 135 19.73 15.95 -20.64
CA LYS A 135 19.31 15.61 -19.28
C LYS A 135 18.16 14.64 -19.25
N LYS A 136 17.63 14.23 -20.41
CA LYS A 136 16.48 13.35 -20.53
C LYS A 136 15.33 13.81 -19.65
N SER A 137 14.91 15.06 -19.87
CA SER A 137 13.79 15.61 -19.14
C SER A 137 13.09 16.65 -20.01
N ALA A 138 11.88 17.00 -19.60
CA ALA A 138 11.10 18.01 -20.31
C ALA A 138 10.16 18.69 -19.33
N TRP A 139 9.96 19.99 -19.55
CA TRP A 139 8.88 20.75 -18.91
C TRP A 139 7.74 20.86 -19.92
N VAL A 140 6.52 20.51 -19.48
CA VAL A 140 5.35 20.44 -20.34
C VAL A 140 4.21 21.19 -19.66
N GLU A 141 3.74 22.26 -20.29
CA GLU A 141 2.66 23.05 -19.71
C GLU A 141 1.32 22.33 -19.88
N ALA A 142 0.39 22.62 -18.95
CA ALA A 142 -0.83 21.83 -18.79
C ALA A 142 -1.66 21.74 -20.06
N GLY A 143 -1.68 22.80 -20.88
CA GLY A 143 -2.49 22.77 -22.09
C GLY A 143 -1.88 22.06 -23.26
N ALA A 144 -0.63 21.60 -23.15
CA ALA A 144 -0.05 20.79 -24.21
C ALA A 144 -0.73 19.41 -24.25
N THR A 145 -0.87 18.84 -25.45
CA THR A 145 -1.44 17.50 -25.51
C THR A 145 -0.32 16.45 -25.51
N LEU A 146 -0.71 15.20 -25.28
CA LEU A 146 0.22 14.10 -25.42
C LEU A 146 0.84 14.08 -26.81
N GLY A 147 0.02 14.30 -27.84
CA GLY A 147 0.55 14.35 -29.18
C GLY A 147 1.61 15.42 -29.37
N GLU A 148 1.35 16.62 -28.84
CA GLU A 148 2.34 17.69 -28.93
C GLU A 148 3.61 17.34 -28.16
N LEU A 149 3.47 16.66 -27.03
CA LEU A 149 4.64 16.22 -26.27
C LEU A 149 5.44 15.19 -27.07
N TYR A 150 4.75 14.14 -27.53
CA TYR A 150 5.42 13.11 -28.33
C TYR A 150 6.05 13.72 -29.57
N TYR A 151 5.34 14.65 -30.23
CA TYR A 151 5.90 15.32 -31.41
C TYR A 151 7.18 16.06 -31.06
N SER A 152 7.16 16.83 -29.97
CA SER A 152 8.34 17.62 -29.60
C SER A 152 9.53 16.73 -29.25
N ILE A 153 9.27 15.61 -28.59
CA ILE A 153 10.36 14.69 -28.28
C ILE A 153 10.93 14.10 -29.56
N ALA A 154 10.04 13.60 -30.43
CA ALA A 154 10.48 12.86 -31.62
C ALA A 154 11.22 13.75 -32.62
N LYS A 155 10.89 15.04 -32.67
CA LYS A 155 11.67 15.96 -33.52
C LYS A 155 13.10 16.10 -33.04
N LYS A 156 13.40 15.75 -31.77
CA LYS A 156 14.75 15.92 -31.24
C LYS A 156 15.50 14.61 -31.05
N SER A 157 14.80 13.50 -30.85
CA SER A 157 15.50 12.24 -30.64
C SER A 157 14.60 11.09 -31.04
N LYS A 158 15.17 10.13 -31.75
CA LYS A 158 14.43 8.94 -32.09
C LYS A 158 14.42 7.91 -30.97
N THR A 159 15.28 8.07 -29.96
CA THR A 159 15.43 7.07 -28.91
C THR A 159 15.03 7.57 -27.53
N LEU A 160 14.35 8.70 -27.43
CA LEU A 160 13.72 9.10 -26.19
C LEU A 160 12.20 9.04 -26.36
N GLY A 161 11.50 8.77 -25.27
CA GLY A 161 10.06 8.78 -25.26
C GLY A 161 9.53 9.24 -23.93
N PHE A 162 8.22 9.09 -23.73
CA PHE A 162 7.58 9.38 -22.47
C PHE A 162 6.38 8.44 -22.41
N PRO A 163 6.16 7.73 -21.31
CA PRO A 163 5.01 6.79 -21.24
C PRO A 163 3.74 7.51 -20.80
N GLY A 164 3.21 8.36 -21.68
CA GLY A 164 2.12 9.25 -21.28
C GLY A 164 0.70 8.72 -21.45
N GLY A 165 0.52 7.62 -22.16
CA GLY A 165 -0.81 7.19 -22.58
C GLY A 165 -0.95 7.23 -24.09
N LEU A 166 -2.13 6.82 -24.56
CA LEU A 166 -2.29 6.52 -25.97
C LEU A 166 -2.85 7.68 -26.79
N CYS A 167 -3.93 8.30 -26.32
CA CYS A 167 -4.68 9.25 -27.13
C CYS A 167 -3.87 10.52 -27.35
N SER A 168 -3.66 10.89 -28.62
CA SER A 168 -2.82 12.04 -28.92
C SER A 168 -3.47 13.37 -28.54
N THR A 169 -4.80 13.43 -28.43
CA THR A 169 -5.45 14.70 -28.08
C THR A 169 -5.66 14.90 -26.58
N VAL A 170 -5.25 13.96 -25.73
CA VAL A 170 -5.45 14.10 -24.29
C VAL A 170 -4.51 15.18 -23.75
N GLY A 171 -5.00 15.98 -22.79
CA GLY A 171 -4.19 17.03 -22.21
C GLY A 171 -3.31 16.50 -21.09
N VAL A 172 -2.05 16.95 -21.06
CA VAL A 172 -1.15 16.51 -19.98
C VAL A 172 -1.60 17.09 -18.63
N GLY A 173 -2.28 18.25 -18.64
CA GLY A 173 -2.78 18.81 -17.38
C GLY A 173 -3.67 17.85 -16.60
N GLY A 174 -4.59 17.16 -17.28
CA GLY A 174 -5.40 16.17 -16.62
C GLY A 174 -4.73 14.80 -16.52
N GLN A 175 -4.10 14.36 -17.62
CA GLN A 175 -3.57 13.00 -17.67
C GLN A 175 -2.53 12.74 -16.58
N LEU A 176 -1.53 13.61 -16.46
CA LEU A 176 -0.45 13.32 -15.51
C LEU A 176 -0.90 13.47 -14.05
N GLY A 177 -2.05 14.08 -13.79
CA GLY A 177 -2.59 14.11 -12.45
C GLY A 177 -3.38 12.88 -12.05
N GLY A 178 -3.62 11.94 -12.99
CA GLY A 178 -4.50 10.83 -12.70
C GLY A 178 -3.98 9.42 -12.94
N GLY A 179 -2.68 9.29 -13.20
CA GLY A 179 -2.13 8.00 -13.54
C GLY A 179 -1.55 8.03 -14.95
N GLY A 180 -2.36 7.67 -15.94
CA GLY A 180 -1.93 7.76 -17.32
C GLY A 180 -1.31 6.47 -17.82
N TYR A 181 -2.16 5.59 -18.32
CA TYR A 181 -1.79 4.24 -18.72
C TYR A 181 -1.71 4.14 -20.23
N GLY A 182 -0.83 3.25 -20.70
CA GLY A 182 -0.83 2.92 -22.11
C GLY A 182 0.05 1.72 -22.41
N TYR A 183 0.39 1.57 -23.69
CA TYR A 183 1.18 0.43 -24.15
C TYR A 183 2.55 0.40 -23.52
N GLN A 184 3.02 1.51 -22.95
CA GLN A 184 4.34 1.57 -22.34
C GLN A 184 4.33 1.33 -20.84
N SER A 185 3.16 1.21 -20.20
CA SER A 185 3.11 1.25 -18.74
C SER A 185 3.76 0.02 -18.10
N ARG A 186 3.57 -1.18 -18.69
CA ARG A 186 4.22 -2.36 -18.13
C ARG A 186 5.74 -2.24 -18.18
N THR A 187 6.28 -1.52 -19.18
CA THR A 187 7.72 -1.39 -19.32
C THR A 187 8.31 -0.27 -18.46
N TYR A 188 7.64 0.90 -18.40
CA TYR A 188 8.24 2.09 -17.82
C TYR A 188 7.45 2.72 -16.68
N GLY A 189 6.26 2.20 -16.35
CA GLY A 189 5.39 2.84 -15.38
C GLY A 189 4.35 3.74 -16.03
N LEU A 190 3.44 4.23 -15.18
CA LEU A 190 2.45 5.20 -15.61
C LEU A 190 3.11 6.54 -15.93
N ALA A 191 2.34 7.42 -16.57
CA ALA A 191 2.83 8.79 -16.74
C ALA A 191 3.15 9.42 -15.39
N SER A 192 2.26 9.22 -14.39
CA SER A 192 2.47 9.77 -13.06
C SER A 192 3.64 9.14 -12.32
N ASP A 193 4.12 7.98 -12.78
CA ASP A 193 5.33 7.36 -12.22
C ASP A 193 6.61 8.05 -12.68
N ASN A 194 6.53 9.05 -13.56
CA ASN A 194 7.71 9.59 -14.24
C ASN A 194 7.74 11.12 -14.20
N ILE A 195 7.35 11.69 -13.06
CA ILE A 195 7.26 13.14 -12.87
C ILE A 195 8.26 13.53 -11.78
N ILE A 196 9.05 14.57 -12.05
CA ILE A 196 10.14 14.95 -11.14
C ILE A 196 10.03 16.38 -10.62
N ASP A 197 9.14 17.20 -11.17
CA ASP A 197 8.86 18.53 -10.64
C ASP A 197 7.54 18.97 -11.23
N ALA A 198 7.05 20.11 -10.77
CA ALA A 198 5.75 20.62 -11.20
C ALA A 198 5.65 22.06 -10.72
N GLN A 199 4.84 22.84 -11.44
CA GLN A 199 4.47 24.18 -11.01
C GLN A 199 2.97 24.21 -10.85
N LEU A 200 2.51 24.66 -9.68
CA LEU A 200 1.11 24.56 -9.29
C LEU A 200 0.67 25.88 -8.68
N ILE A 201 -0.57 26.29 -8.99
CA ILE A 201 -1.18 27.44 -8.32
C ILE A 201 -2.18 26.96 -7.29
N ASP A 202 -2.03 27.36 -6.03
CA ASP A 202 -2.95 26.89 -5.00
C ASP A 202 -4.12 27.86 -4.84
N ALA A 203 -5.01 27.54 -3.89
CA ALA A 203 -6.24 28.32 -3.69
C ALA A 203 -5.96 29.73 -3.21
N ARG A 204 -4.77 30.01 -2.70
CA ARG A 204 -4.42 31.37 -2.33
C ARG A 204 -3.77 32.15 -3.46
N GLY A 205 -3.63 31.55 -4.64
CA GLY A 205 -2.97 32.21 -5.75
C GLY A 205 -1.46 32.16 -5.71
N ARG A 206 -0.88 31.29 -4.89
CA ARG A 206 0.56 31.13 -4.82
C ARG A 206 1.02 30.11 -5.87
N ILE A 207 2.05 30.46 -6.63
CA ILE A 207 2.60 29.59 -7.66
C ILE A 207 3.84 28.91 -7.09
N LEU A 208 3.75 27.59 -6.92
CA LEU A 208 4.70 26.79 -6.17
C LEU A 208 5.40 25.79 -7.07
N ASN A 209 6.64 25.44 -6.74
CA ASN A 209 7.31 24.32 -7.38
C ASN A 209 7.39 23.16 -6.38
N ARG A 210 8.09 22.09 -6.76
CA ARG A 210 8.19 20.93 -5.88
C ARG A 210 8.75 21.33 -4.51
N LYS A 211 9.78 22.16 -4.50
CA LYS A 211 10.40 22.57 -3.24
C LYS A 211 9.43 23.35 -2.37
N SER A 212 8.76 24.34 -2.94
CA SER A 212 7.92 25.18 -2.09
C SER A 212 6.53 24.58 -1.83
N MET A 213 6.05 23.66 -2.68
CA MET A 213 4.80 22.99 -2.33
C MET A 213 5.00 21.86 -1.32
N GLY A 214 6.23 21.39 -1.14
CA GLY A 214 6.54 20.31 -0.21
C GLY A 214 6.24 18.94 -0.80
N GLU A 215 6.89 17.91 -0.22
CA GLU A 215 6.79 16.56 -0.77
C GLU A 215 5.38 15.97 -0.66
N ASP A 216 4.63 16.31 0.38
CA ASP A 216 3.28 15.77 0.53
C ASP A 216 2.38 16.21 -0.64
N LEU A 217 2.32 17.51 -0.90
CA LEU A 217 1.49 17.97 -2.01
C LEU A 217 2.04 17.49 -3.37
N PHE A 218 3.37 17.44 -3.53
CA PHE A 218 3.93 16.94 -4.78
C PHE A 218 3.60 15.45 -5.00
N TRP A 219 3.49 14.70 -3.92
CA TRP A 219 2.99 13.33 -3.99
C TRP A 219 1.52 13.30 -4.41
N ALA A 220 0.68 14.11 -3.76
CA ALA A 220 -0.76 14.02 -3.96
C ALA A 220 -1.17 14.32 -5.40
N ILE A 221 -0.49 15.26 -6.06
CA ILE A 221 -0.92 15.63 -7.42
C ILE A 221 -0.48 14.63 -8.49
N ARG A 222 0.44 13.72 -8.15
CA ARG A 222 0.93 12.75 -9.13
C ARG A 222 0.05 11.50 -9.11
N GLY A 223 -1.20 11.70 -9.52
CA GLY A 223 -2.14 10.59 -9.63
C GLY A 223 -3.34 10.70 -8.71
N GLY A 224 -3.37 11.67 -7.80
CA GLY A 224 -4.48 11.87 -6.90
C GLY A 224 -5.60 12.74 -7.43
N GLY A 225 -5.52 13.16 -8.69
CA GLY A 225 -6.47 14.13 -9.23
C GLY A 225 -6.03 15.51 -8.81
N ALA A 226 -5.12 16.10 -9.60
CA ALA A 226 -4.47 17.33 -9.18
C ALA A 226 -5.46 18.48 -8.95
N GLY A 227 -6.59 18.49 -9.67
CA GLY A 227 -7.59 19.55 -9.51
C GLY A 227 -8.33 19.56 -8.16
N SER A 228 -8.11 18.58 -7.28
CA SER A 228 -8.60 18.73 -5.91
C SER A 228 -7.70 19.65 -5.09
N PHE A 229 -6.50 19.93 -5.55
CA PHE A 229 -5.50 20.61 -4.76
C PHE A 229 -5.01 21.92 -5.35
N GLY A 230 -5.09 22.10 -6.66
CA GLY A 230 -4.54 23.30 -7.26
C GLY A 230 -4.62 23.21 -8.77
N ILE A 231 -4.13 24.26 -9.40
CA ILE A 231 -4.09 24.35 -10.85
C ILE A 231 -2.66 24.05 -11.28
N VAL A 232 -2.46 22.88 -11.88
CA VAL A 232 -1.13 22.56 -12.37
C VAL A 232 -0.86 23.42 -13.61
N ILE A 233 0.25 24.14 -13.58
CA ILE A 233 0.64 24.96 -14.72
C ILE A 233 1.57 24.20 -15.66
N ALA A 234 2.46 23.40 -15.10
CA ALA A 234 3.46 22.67 -15.87
C ALA A 234 3.91 21.47 -15.08
N TRP A 235 4.21 20.39 -15.80
CA TRP A 235 4.84 19.19 -15.25
C TRP A 235 6.27 19.10 -15.76
N LYS A 236 7.19 18.69 -14.88
CA LYS A 236 8.53 18.29 -15.33
C LYS A 236 8.59 16.77 -15.34
N VAL A 237 8.93 16.17 -16.49
CA VAL A 237 8.85 14.72 -16.65
C VAL A 237 10.24 14.17 -16.91
N ARG A 238 10.42 12.91 -16.53
CA ARG A 238 11.60 12.15 -16.91
C ARG A 238 11.31 11.51 -18.27
N LEU A 239 12.23 11.70 -19.22
CA LEU A 239 12.12 11.04 -20.52
C LEU A 239 12.74 9.66 -20.43
N ILE A 240 12.15 8.69 -21.13
CA ILE A 240 12.59 7.30 -21.07
C ILE A 240 13.38 6.95 -22.32
N ASP A 241 14.32 6.02 -22.16
CA ASP A 241 15.03 5.45 -23.29
C ASP A 241 14.11 4.47 -24.00
N VAL A 242 13.89 4.67 -25.29
CA VAL A 242 13.08 3.70 -26.02
C VAL A 242 13.97 3.09 -27.09
N PRO A 243 13.73 1.84 -27.49
CA PRO A 243 14.52 1.27 -28.59
C PRO A 243 14.17 1.95 -29.89
N SER A 244 15.15 1.99 -30.79
CA SER A 244 14.94 2.60 -32.11
C SER A 244 13.98 1.80 -32.97
N THR A 245 13.76 0.53 -32.65
CA THR A 245 12.74 -0.28 -33.30
C THR A 245 11.79 -0.83 -32.24
N VAL A 246 10.50 -0.56 -32.41
CA VAL A 246 9.46 -1.26 -31.69
C VAL A 246 8.68 -2.07 -32.73
N THR A 247 7.95 -3.08 -32.25
CA THR A 247 7.21 -3.98 -33.12
C THR A 247 5.76 -3.99 -32.67
N VAL A 248 4.84 -3.87 -33.62
CA VAL A 248 3.42 -3.91 -33.31
C VAL A 248 2.79 -5.08 -34.05
N PHE A 249 1.71 -5.61 -33.49
CA PHE A 249 0.87 -6.53 -34.25
C PHE A 249 -0.57 -6.39 -33.76
N GLU A 250 -1.48 -6.80 -34.64
CA GLU A 250 -2.90 -6.72 -34.38
C GLU A 250 -3.56 -7.82 -35.19
N THR A 251 -4.52 -8.51 -34.59
CA THR A 251 -5.28 -9.49 -35.34
C THR A 251 -6.69 -9.56 -34.78
N VAL A 252 -7.63 -9.96 -35.64
CA VAL A 252 -9.03 -10.06 -35.32
C VAL A 252 -9.41 -11.53 -35.51
N ARG A 253 -9.94 -12.15 -34.45
CA ARG A 253 -10.36 -13.54 -34.50
C ARG A 253 -11.83 -13.65 -34.12
N MET A 254 -12.44 -14.76 -34.52
CA MET A 254 -13.80 -15.08 -34.10
C MET A 254 -13.77 -15.68 -32.70
N TRP A 255 -14.63 -15.17 -31.82
CA TRP A 255 -14.70 -15.69 -30.45
C TRP A 255 -15.20 -17.13 -30.44
N GLU A 256 -16.14 -17.46 -31.32
CA GLU A 256 -16.65 -18.83 -31.45
C GLU A 256 -15.63 -19.64 -32.25
N ASP A 257 -14.49 -19.89 -31.61
CA ASP A 257 -13.36 -20.59 -32.20
C ASP A 257 -12.49 -21.07 -31.04
N ASN A 258 -12.30 -22.38 -30.93
CA ASN A 258 -11.66 -22.94 -29.74
C ASN A 258 -10.21 -22.50 -29.57
N VAL A 259 -9.58 -22.04 -30.65
CA VAL A 259 -8.23 -21.50 -30.52
C VAL A 259 -8.28 -20.11 -29.90
N THR A 260 -9.25 -19.28 -30.30
CA THR A 260 -9.42 -17.99 -29.68
C THR A 260 -9.73 -18.13 -28.19
N LYS A 261 -10.58 -19.09 -27.84
CA LYS A 261 -10.97 -19.28 -26.44
C LYS A 261 -9.79 -19.76 -25.61
N LYS A 262 -8.94 -20.61 -26.18
CA LYS A 262 -7.76 -21.08 -25.46
C LYS A 262 -6.77 -19.93 -25.27
N PHE A 263 -6.54 -19.16 -26.33
CA PHE A 263 -5.67 -18.00 -26.23
C PHE A 263 -6.13 -17.07 -25.12
N VAL A 264 -7.43 -16.74 -25.11
CA VAL A 264 -7.96 -15.81 -24.11
C VAL A 264 -7.85 -16.43 -22.72
N HIS A 265 -8.03 -17.75 -22.61
CA HIS A 265 -7.86 -18.43 -21.33
C HIS A 265 -6.43 -18.26 -20.81
N ARG A 266 -5.45 -18.45 -21.68
CA ARG A 266 -4.07 -18.30 -21.27
C ARG A 266 -3.67 -16.82 -21.17
N TYR A 267 -4.32 -15.93 -21.93
CA TYR A 267 -4.04 -14.50 -21.81
C TYR A 267 -4.30 -14.02 -20.40
N GLN A 268 -5.43 -14.41 -19.82
CA GLN A 268 -5.77 -13.99 -18.46
C GLN A 268 -4.66 -14.33 -17.49
N ARG A 269 -3.98 -15.44 -17.72
CA ARG A 269 -2.96 -15.91 -16.81
C ARG A 269 -1.56 -15.44 -17.17
N ARG A 270 -1.32 -15.06 -18.42
CA ARG A 270 0.03 -14.69 -18.85
C ARG A 270 0.21 -13.20 -19.15
N ALA A 271 -0.85 -12.49 -19.54
CA ALA A 271 -0.67 -11.12 -20.03
C ALA A 271 0.05 -10.23 -19.04
N SER A 272 -0.16 -10.45 -17.74
CA SER A 272 0.46 -9.59 -16.73
C SER A 272 1.78 -10.13 -16.22
N ASN A 273 2.16 -11.34 -16.64
CA ASN A 273 3.37 -12.00 -16.18
C ASN A 273 4.42 -12.16 -17.27
N ILE A 274 4.04 -12.05 -18.54
CA ILE A 274 5.02 -12.15 -19.63
C ILE A 274 6.04 -11.02 -19.56
N ASP A 275 7.14 -11.20 -20.30
CA ASP A 275 8.16 -10.21 -20.58
C ASP A 275 7.62 -8.78 -20.51
N LYS A 276 8.19 -7.95 -19.63
CA LYS A 276 7.63 -6.62 -19.43
C LYS A 276 7.71 -5.75 -20.68
N ASP A 277 8.50 -6.16 -21.68
CA ASP A 277 8.61 -5.43 -22.94
C ASP A 277 7.43 -5.66 -23.88
N LEU A 278 6.53 -6.59 -23.56
CA LEU A 278 5.39 -6.91 -24.43
C LEU A 278 4.09 -6.59 -23.69
N THR A 279 3.28 -5.72 -24.29
CA THR A 279 1.96 -5.41 -23.77
C THR A 279 0.92 -5.74 -24.82
N ILE A 280 -0.08 -6.53 -24.44
CA ILE A 280 -1.13 -7.01 -25.34
C ILE A 280 -2.48 -6.56 -24.80
N PHE A 281 -3.23 -5.82 -25.62
CA PHE A 281 -4.60 -5.45 -25.30
C PHE A 281 -5.56 -6.46 -25.93
N LEU A 282 -6.71 -6.62 -25.30
CA LEU A 282 -7.79 -7.48 -25.78
C LEU A 282 -9.09 -6.67 -25.80
N GLY A 283 -9.83 -6.81 -26.89
CA GLY A 283 -11.14 -6.19 -26.99
C GLY A 283 -12.15 -7.13 -27.62
N PHE A 284 -13.41 -6.91 -27.27
CA PHE A 284 -14.52 -7.71 -27.78
C PHE A 284 -15.65 -6.79 -28.20
N ARG A 285 -16.27 -7.11 -29.34
CA ARG A 285 -17.44 -6.40 -29.83
C ARG A 285 -18.23 -7.35 -30.73
N THR A 286 -19.47 -6.99 -31.03
CA THR A 286 -20.23 -7.76 -32.01
C THR A 286 -20.02 -7.18 -33.40
N THR A 287 -20.25 -8.02 -34.41
CA THR A 287 -20.23 -7.60 -35.81
C THR A 287 -21.19 -8.43 -36.66
N ILE A 298 -24.18 -12.57 -37.29
CA ILE A 298 -23.82 -11.80 -36.10
C ILE A 298 -23.02 -12.63 -35.11
N GLN A 299 -21.78 -12.20 -34.84
CA GLN A 299 -20.91 -12.92 -33.94
C GLN A 299 -20.05 -11.94 -33.15
N ILE A 300 -19.42 -12.46 -32.09
CA ILE A 300 -18.46 -11.72 -31.29
C ILE A 300 -17.07 -11.93 -31.89
N ILE A 301 -16.37 -10.84 -32.16
CA ILE A 301 -14.99 -10.90 -32.61
C ILE A 301 -14.07 -10.53 -31.46
N THR A 302 -12.83 -11.01 -31.54
CA THR A 302 -11.79 -10.75 -30.56
C THR A 302 -10.69 -9.94 -31.25
N ILE A 303 -10.39 -8.77 -30.72
CA ILE A 303 -9.32 -7.92 -31.23
C ILE A 303 -8.12 -8.05 -30.29
N ILE A 304 -7.01 -8.54 -30.82
CA ILE A 304 -5.75 -8.61 -30.11
C ILE A 304 -4.82 -7.56 -30.71
N SER A 305 -4.28 -6.68 -29.86
CA SER A 305 -3.35 -5.67 -30.33
C SER A 305 -2.20 -5.57 -29.34
N ALA A 306 -1.03 -5.21 -29.85
CA ALA A 306 0.14 -5.31 -29.00
C ALA A 306 1.26 -4.41 -29.48
N THR A 307 2.10 -4.02 -28.52
CA THR A 307 3.34 -3.32 -28.78
C THR A 307 4.45 -4.08 -28.05
N PHE A 308 5.55 -4.30 -28.74
CA PHE A 308 6.71 -4.95 -28.16
C PHE A 308 7.89 -4.01 -28.30
N HIS A 309 8.55 -3.73 -27.17
CA HIS A 309 9.66 -2.77 -27.18
C HIS A 309 10.94 -3.51 -27.54
N GLY A 310 11.03 -3.84 -28.82
CA GLY A 310 12.14 -4.60 -29.36
C GLY A 310 11.85 -4.98 -30.80
N SER A 311 12.82 -5.68 -31.38
CA SER A 311 12.71 -6.03 -32.79
C SER A 311 11.78 -7.24 -32.96
N ARG A 312 11.36 -7.46 -34.21
CA ARG A 312 10.47 -8.58 -34.47
C ARG A 312 11.20 -9.92 -34.48
N ASP A 313 12.53 -9.91 -34.62
CA ASP A 313 13.28 -11.16 -34.48
C ASP A 313 13.30 -11.61 -33.03
N ARG A 314 13.35 -10.67 -32.08
CA ARG A 314 13.21 -11.02 -30.68
C ARG A 314 11.77 -11.42 -30.34
N LEU A 315 10.78 -10.80 -30.99
CA LEU A 315 9.40 -11.06 -30.62
C LEU A 315 8.92 -12.44 -31.09
N LEU A 316 9.43 -12.93 -32.22
CA LEU A 316 8.92 -14.18 -32.76
C LEU A 316 9.08 -15.35 -31.79
N PRO A 317 10.26 -15.61 -31.20
CA PRO A 317 10.34 -16.74 -30.26
C PRO A 317 9.49 -16.55 -29.02
N LEU A 318 9.36 -15.31 -28.52
CA LEU A 318 8.52 -15.07 -27.35
C LEU A 318 7.07 -15.41 -27.63
N MET A 319 6.56 -15.01 -28.80
CA MET A 319 5.16 -15.29 -29.13
C MET A 319 4.93 -16.78 -29.40
N GLN A 320 5.91 -17.46 -30.00
CA GLN A 320 5.73 -18.88 -30.25
C GLN A 320 5.94 -19.73 -29.00
N GLU A 321 6.51 -19.16 -27.94
CA GLU A 321 6.62 -19.87 -26.67
C GLU A 321 5.46 -19.58 -25.72
N GLU A 322 4.83 -18.41 -25.84
CA GLU A 322 3.75 -18.03 -24.95
C GLU A 322 2.37 -18.27 -25.54
N PHE A 323 2.19 -17.99 -26.84
CA PHE A 323 0.88 -18.12 -27.49
C PHE A 323 1.06 -18.77 -28.86
N PRO A 324 1.52 -20.03 -28.90
CA PRO A 324 1.72 -20.68 -30.21
C PRO A 324 0.42 -20.91 -30.97
N GLU A 325 -0.72 -20.96 -30.28
CA GLU A 325 -1.99 -21.20 -30.94
C GLU A 325 -2.41 -20.05 -31.84
N LEU A 326 -1.80 -18.87 -31.67
CA LEU A 326 -2.14 -17.75 -32.54
C LEU A 326 -1.64 -17.94 -33.97
N GLY A 327 -0.62 -18.75 -34.17
CA GLY A 327 -0.12 -19.03 -35.51
C GLY A 327 0.51 -17.84 -36.21
N LEU A 328 0.88 -16.80 -35.49
CA LEU A 328 1.39 -15.59 -36.11
C LEU A 328 2.77 -15.83 -36.74
N GLY A 329 2.93 -15.37 -37.98
CA GLY A 329 4.20 -15.47 -38.67
C GLY A 329 5.01 -14.19 -38.58
N LYS A 330 6.23 -14.27 -39.12
CA LYS A 330 7.15 -13.13 -39.14
C LYS A 330 6.48 -11.90 -39.76
N GLU A 331 5.69 -12.11 -40.81
CA GLU A 331 5.08 -11.00 -41.54
C GLU A 331 3.87 -10.41 -40.83
N ASP A 332 3.39 -11.00 -39.74
CA ASP A 332 2.33 -10.38 -38.96
C ASP A 332 2.84 -9.29 -38.02
N PHE A 333 4.15 -9.22 -37.81
CA PHE A 333 4.76 -8.22 -36.95
C PHE A 333 5.30 -7.11 -37.82
N LYS A 334 4.96 -5.87 -37.47
CA LYS A 334 5.41 -4.71 -38.24
C LYS A 334 6.33 -3.87 -37.36
N GLU A 335 7.55 -3.63 -37.84
CA GLU A 335 8.54 -2.85 -37.12
C GLU A 335 8.41 -1.37 -37.47
N MET A 336 8.58 -0.53 -36.47
CA MET A 336 8.55 0.91 -36.68
C MET A 336 9.24 1.60 -35.51
N SER A 337 9.30 2.92 -35.58
CA SER A 337 9.88 3.68 -34.48
C SER A 337 8.85 3.83 -33.38
N TRP A 338 9.33 4.20 -32.19
CA TRP A 338 8.42 4.46 -31.09
C TRP A 338 7.32 5.45 -31.49
N VAL A 339 7.69 6.58 -32.12
CA VAL A 339 6.67 7.59 -32.38
C VAL A 339 5.74 7.12 -33.51
N GLN A 340 6.26 6.35 -34.47
CA GLN A 340 5.39 5.78 -35.49
C GLN A 340 4.36 4.84 -34.88
N SER A 341 4.72 4.12 -33.81
CA SER A 341 3.76 3.23 -33.18
C SER A 341 2.65 4.00 -32.48
N ILE A 342 2.94 5.21 -32.01
CA ILE A 342 1.90 6.08 -31.47
C ILE A 342 0.98 6.57 -32.58
N VAL A 343 1.58 7.01 -33.70
CA VAL A 343 0.78 7.43 -34.85
C VAL A 343 -0.17 6.31 -35.26
N HIS A 344 0.38 5.10 -35.39
CA HIS A 344 -0.39 3.93 -35.80
C HIS A 344 -1.58 3.70 -34.87
N TYR A 345 -1.34 3.70 -33.57
CA TYR A 345 -2.42 3.39 -32.64
C TYR A 345 -3.35 4.57 -32.37
N ASN A 346 -3.13 5.72 -33.02
CA ASN A 346 -4.12 6.79 -33.05
C ASN A 346 -4.90 6.82 -34.37
N ASN A 347 -4.97 5.69 -35.08
CA ASN A 347 -5.78 5.51 -36.28
C ASN A 347 -5.29 6.37 -37.44
N TYR A 348 -4.00 6.67 -37.49
CA TYR A 348 -3.40 7.31 -38.66
C TYR A 348 -2.60 6.29 -39.47
N LYS A 349 -2.28 6.65 -40.71
CA LYS A 349 -1.50 5.77 -41.56
C LYS A 349 -0.09 5.62 -40.99
N ASP A 350 0.46 4.40 -41.11
CA ASP A 350 1.78 4.13 -40.52
C ASP A 350 2.84 5.11 -41.02
N ASP A 351 2.72 5.56 -42.26
CA ASP A 351 3.71 6.47 -42.83
C ASP A 351 3.24 7.93 -42.85
N ASP A 352 2.23 8.27 -42.05
CA ASP A 352 1.73 9.65 -42.01
C ASP A 352 2.79 10.57 -41.40
N PRO A 353 2.86 11.82 -41.85
CA PRO A 353 3.74 12.79 -41.18
C PRO A 353 3.42 12.91 -39.70
N LEU A 354 4.46 13.16 -38.91
CA LEU A 354 4.29 13.31 -37.47
C LEU A 354 3.31 14.41 -37.11
N GLU A 355 3.07 15.35 -38.02
CA GLU A 355 2.18 16.46 -37.71
C GLU A 355 0.78 15.99 -37.34
N VAL A 356 0.38 14.77 -37.74
CA VAL A 356 -0.94 14.28 -37.37
C VAL A 356 -1.08 14.23 -35.85
N LEU A 357 0.04 14.11 -35.13
CA LEU A 357 0.05 14.19 -33.68
C LEU A 357 -0.35 15.55 -33.15
N LEU A 358 -0.37 16.59 -33.98
CA LEU A 358 -0.67 17.93 -33.52
C LEU A 358 -2.14 18.29 -33.66
N ASN A 359 -2.91 17.42 -34.31
CA ASN A 359 -4.34 17.64 -34.44
C ASN A 359 -5.01 17.55 -33.06
N LYS A 360 -6.03 18.39 -32.84
CA LYS A 360 -6.63 18.53 -31.51
C LYS A 360 -7.90 17.71 -31.32
N THR A 361 -8.38 17.05 -32.36
CA THR A 361 -9.55 16.20 -32.25
C THR A 361 -9.25 14.82 -32.83
N VAL A 362 -9.93 13.80 -32.28
CA VAL A 362 -9.64 12.42 -32.64
C VAL A 362 -9.86 12.19 -34.13
N ASN A 363 -9.14 11.22 -34.68
CA ASN A 363 -9.24 10.90 -36.10
C ASN A 363 -10.34 9.87 -36.36
N PHE A 364 -11.50 10.14 -35.78
CA PHE A 364 -12.75 9.44 -36.11
C PHE A 364 -13.96 10.22 -35.57
N GLU A 365 -15.15 10.04 -36.18
CA GLU A 365 -16.25 10.78 -35.56
C GLU A 365 -16.78 10.01 -34.34
N PRO A 366 -16.79 10.65 -33.11
CA PRO A 366 -17.02 9.88 -31.86
C PRO A 366 -18.50 9.70 -31.57
N ASN A 367 -18.85 8.60 -31.04
CA ASN A 367 -20.18 8.35 -30.54
C ASN A 367 -20.22 8.63 -29.05
N PRO A 368 -21.35 9.14 -28.56
CA PRO A 368 -21.56 9.18 -27.10
C PRO A 368 -21.32 7.81 -26.48
N PHE A 369 -20.87 7.80 -25.22
CA PHE A 369 -20.51 6.55 -24.56
C PHE A 369 -20.51 6.73 -23.06
N LYS A 370 -20.66 5.60 -22.36
CA LYS A 370 -20.52 5.51 -20.91
C LYS A 370 -19.67 4.28 -20.61
N LEU A 371 -18.56 4.47 -19.92
CA LEU A 371 -17.68 3.36 -19.58
C LEU A 371 -17.59 3.20 -18.06
N LYS A 372 -17.32 1.97 -17.64
CA LYS A 372 -17.01 1.60 -16.27
C LYS A 372 -15.85 0.63 -16.30
N SER A 373 -15.16 0.45 -15.16
CA SER A 373 -14.03 -0.47 -15.16
C SER A 373 -13.86 -1.14 -13.81
N ASP A 374 -13.15 -2.26 -13.83
CA ASP A 374 -12.89 -3.09 -12.67
C ASP A 374 -11.45 -3.58 -12.73
N TYR A 375 -10.94 -4.01 -11.59
CA TYR A 375 -9.65 -4.67 -11.50
C TYR A 375 -9.85 -6.15 -11.17
N VAL A 376 -9.11 -6.99 -11.87
CA VAL A 376 -9.24 -8.43 -11.78
C VAL A 376 -7.93 -9.00 -11.25
N LYS A 377 -8.03 -9.79 -10.18
CA LYS A 377 -6.87 -10.38 -9.52
C LYS A 377 -6.80 -11.89 -9.69
N LYS A 378 -7.90 -12.53 -10.07
CA LYS A 378 -7.94 -13.95 -10.35
C LYS A 378 -8.63 -14.14 -11.69
N PRO A 379 -8.14 -15.05 -12.52
CA PRO A 379 -8.79 -15.31 -13.81
C PRO A 379 -10.29 -15.49 -13.65
N ILE A 380 -11.03 -14.83 -14.52
CA ILE A 380 -12.48 -15.07 -14.59
C ILE A 380 -12.73 -16.50 -15.08
N PRO A 381 -13.62 -17.28 -14.45
CA PRO A 381 -13.86 -18.64 -14.93
C PRO A 381 -14.36 -18.65 -16.36
N ASP A 382 -14.01 -19.72 -17.09
CA ASP A 382 -14.32 -19.81 -18.52
C ASP A 382 -15.80 -19.55 -18.80
N ASP A 383 -16.68 -20.20 -18.03
CA ASP A 383 -18.10 -20.08 -18.35
C ASP A 383 -18.67 -18.73 -17.94
N VAL A 384 -18.10 -18.10 -16.91
CA VAL A 384 -18.51 -16.75 -16.56
C VAL A 384 -18.08 -15.76 -17.64
N LEU A 385 -16.91 -15.98 -18.24
CA LEU A 385 -16.47 -15.11 -19.33
C LEU A 385 -17.40 -15.23 -20.53
N GLU A 386 -17.86 -16.45 -20.83
CA GLU A 386 -18.84 -16.65 -21.87
C GLU A 386 -20.14 -15.90 -21.57
N LYS A 387 -20.60 -15.96 -20.32
CA LYS A 387 -21.83 -15.29 -19.95
C LYS A 387 -21.66 -13.77 -20.05
N LEU A 388 -20.50 -13.25 -19.64
CA LEU A 388 -20.20 -11.82 -19.81
C LEU A 388 -20.26 -11.41 -21.27
N LEU A 389 -19.50 -12.08 -22.12
CA LEU A 389 -19.41 -11.66 -23.52
C LEU A 389 -20.74 -11.81 -24.25
N ALA A 390 -21.59 -12.76 -23.83
CA ALA A 390 -22.87 -12.93 -24.50
C ALA A 390 -23.74 -11.70 -24.33
N ARG A 391 -23.52 -10.91 -23.27
CA ARG A 391 -24.32 -9.72 -23.06
C ARG A 391 -24.12 -8.68 -24.14
N LEU A 392 -23.05 -8.82 -24.94
CA LEU A 392 -22.86 -7.92 -26.07
C LEU A 392 -23.95 -8.10 -27.11
N TYR A 393 -24.57 -9.28 -27.20
CA TYR A 393 -25.66 -9.48 -28.16
C TYR A 393 -26.89 -8.67 -27.81
N GLU A 394 -26.98 -8.15 -26.58
CA GLU A 394 -28.24 -7.58 -26.14
C GLU A 394 -28.50 -6.21 -26.75
N GLU A 395 -27.46 -5.50 -27.14
CA GLU A 395 -27.63 -4.18 -27.75
C GLU A 395 -27.18 -4.23 -29.21
N ASP A 396 -27.29 -3.08 -29.87
CA ASP A 396 -27.04 -3.01 -31.30
C ASP A 396 -25.62 -3.46 -31.64
N ILE A 397 -25.45 -3.83 -32.91
CA ILE A 397 -24.22 -4.47 -33.36
C ILE A 397 -23.05 -3.51 -33.29
N GLY A 398 -21.99 -3.91 -32.60
CA GLY A 398 -20.75 -3.17 -32.57
C GLY A 398 -20.73 -1.92 -31.72
N TYR A 399 -21.77 -1.67 -30.93
CA TYR A 399 -21.84 -0.46 -30.11
C TYR A 399 -21.39 -0.65 -28.67
N ASP A 400 -21.26 -1.89 -28.21
CA ASP A 400 -20.85 -2.18 -26.84
C ASP A 400 -19.53 -2.94 -26.85
N PHE A 401 -18.75 -2.78 -25.76
CA PHE A 401 -17.37 -3.27 -25.74
C PHE A 401 -16.97 -3.81 -24.37
N VAL A 402 -16.13 -4.85 -24.39
CA VAL A 402 -15.38 -5.31 -23.22
C VAL A 402 -13.91 -5.34 -23.61
N GLU A 403 -13.06 -4.74 -22.76
CA GLU A 403 -11.64 -4.58 -23.08
C GLU A 403 -10.77 -4.91 -21.89
N PHE A 404 -9.60 -5.48 -22.16
CA PHE A 404 -8.66 -5.92 -21.14
C PHE A 404 -7.37 -5.14 -21.31
N PHE A 405 -6.93 -4.46 -20.26
CA PHE A 405 -5.67 -3.73 -20.26
C PHE A 405 -4.76 -4.32 -19.19
N PRO A 406 -3.69 -5.02 -19.58
CA PRO A 406 -2.93 -5.82 -18.61
C PRO A 406 -2.07 -4.97 -17.69
N TYR A 407 -1.96 -5.46 -16.45
CA TYR A 407 -1.04 -4.84 -15.50
C TYR A 407 0.19 -5.74 -15.38
N GLY A 408 0.85 -5.75 -14.23
CA GLY A 408 2.10 -6.48 -14.11
C GLY A 408 3.28 -5.66 -14.61
N GLY A 409 4.43 -6.33 -14.74
CA GLY A 409 5.64 -5.67 -15.17
C GLY A 409 6.06 -4.62 -14.16
N LYS A 410 6.46 -3.45 -14.66
CA LYS A 410 6.79 -2.34 -13.78
C LYS A 410 5.64 -2.00 -12.83
N LEU A 411 4.39 -2.20 -13.27
CA LEU A 411 3.26 -1.86 -12.41
C LEU A 411 3.14 -2.78 -11.19
N SER A 412 3.70 -3.98 -11.23
CA SER A 412 3.73 -4.79 -10.03
C SER A 412 5.00 -4.60 -9.22
N GLU A 413 5.93 -3.74 -9.67
CA GLU A 413 7.16 -3.45 -8.95
C GLU A 413 7.07 -2.20 -8.08
N ILE A 414 6.02 -1.42 -8.20
CA ILE A 414 5.88 -0.15 -7.49
C ILE A 414 4.85 -0.33 -6.38
N SER A 415 5.18 0.15 -5.18
CA SER A 415 4.32 -0.07 -4.04
C SER A 415 2.96 0.65 -4.19
N GLU A 416 1.99 0.19 -3.40
CA GLU A 416 0.64 0.74 -3.38
C GLU A 416 0.61 2.23 -3.07
N SER A 417 1.64 2.77 -2.40
CA SER A 417 1.58 4.15 -1.91
C SER A 417 2.70 5.05 -2.41
N GLU A 418 3.57 4.53 -3.28
CA GLU A 418 4.58 5.37 -3.93
C GLU A 418 3.97 6.67 -4.47
N ILE A 419 2.84 6.58 -5.18
CA ILE A 419 2.04 7.75 -5.57
C ILE A 419 0.58 7.41 -5.26
N PRO A 420 -0.36 8.37 -5.36
CA PRO A 420 -1.74 8.05 -4.96
C PRO A 420 -2.35 6.90 -5.72
N PHE A 421 -1.85 6.59 -6.93
CA PHE A 421 -2.37 5.48 -7.74
C PHE A 421 -2.00 4.17 -7.05
N PRO A 422 -2.97 3.35 -6.65
CA PRO A 422 -2.67 2.22 -5.77
C PRO A 422 -2.74 0.86 -6.44
N HIS A 423 -3.07 0.82 -7.73
CA HIS A 423 -3.48 -0.43 -8.36
C HIS A 423 -2.23 -1.09 -8.96
N ARG A 424 -1.57 -1.91 -8.14
CA ARG A 424 -0.24 -2.42 -8.46
C ARG A 424 -0.22 -3.95 -8.45
N ALA A 425 0.70 -4.56 -7.70
CA ALA A 425 0.89 -6.01 -7.76
C ALA A 425 -0.35 -6.75 -7.29
N GLY A 426 -0.63 -7.88 -7.93
CA GLY A 426 -1.83 -8.65 -7.66
C GLY A 426 -2.90 -8.45 -8.71
N ASN A 427 -2.87 -7.33 -9.43
CA ASN A 427 -3.82 -7.09 -10.51
C ASN A 427 -3.34 -7.75 -11.79
N LEU A 428 -4.23 -8.53 -12.41
CA LEU A 428 -3.90 -9.11 -13.71
C LEU A 428 -4.14 -8.10 -14.82
N TYR A 429 -5.29 -7.45 -14.78
CA TYR A 429 -5.65 -6.46 -15.79
C TYR A 429 -6.75 -5.58 -15.24
N ASN A 430 -6.94 -4.42 -15.90
CA ASN A 430 -8.12 -3.62 -15.72
C ASN A 430 -9.12 -4.03 -16.80
N LEU A 431 -10.33 -4.33 -16.37
CA LEU A 431 -11.39 -4.78 -17.25
C LEU A 431 -12.34 -3.62 -17.46
N ARG A 432 -12.52 -3.20 -18.71
CA ARG A 432 -13.33 -2.03 -18.99
C ARG A 432 -14.58 -2.42 -19.76
N TYR A 433 -15.71 -1.87 -19.34
CA TYR A 433 -16.99 -2.09 -19.99
C TYR A 433 -17.49 -0.78 -20.58
N MET A 434 -18.04 -0.85 -21.79
CA MET A 434 -18.48 0.38 -22.43
C MET A 434 -19.68 0.13 -23.35
N ALA A 435 -20.66 1.02 -23.23
CA ALA A 435 -21.76 1.13 -24.18
C ALA A 435 -21.64 2.47 -24.89
N SER A 436 -21.94 2.46 -26.18
CA SER A 436 -21.95 3.68 -26.98
C SER A 436 -23.22 3.71 -27.81
N TRP A 437 -23.57 4.91 -28.26
CA TRP A 437 -24.77 5.07 -29.07
C TRP A 437 -24.58 6.28 -29.96
N LYS A 438 -25.53 6.50 -30.86
CA LYS A 438 -25.40 7.59 -31.82
C LYS A 438 -25.93 8.88 -31.20
N GLN A 439 -25.35 10.01 -31.62
CA GLN A 439 -25.87 11.31 -31.24
C GLN A 439 -27.32 11.43 -31.72
N GLY A 440 -28.23 11.65 -30.77
CA GLY A 440 -29.63 11.90 -31.09
C GLY A 440 -30.62 10.88 -30.57
N GLU A 441 -30.19 9.75 -30.00
CA GLU A 441 -31.15 8.78 -29.50
C GLU A 441 -31.97 9.40 -28.38
N ASN A 442 -33.23 8.99 -28.27
CA ASN A 442 -34.09 9.61 -27.28
C ASN A 442 -33.66 9.18 -25.88
N THR A 443 -34.30 9.74 -24.86
CA THR A 443 -33.85 9.55 -23.49
C THR A 443 -34.00 8.09 -23.05
N THR A 444 -35.09 7.43 -23.46
CA THR A 444 -35.33 6.06 -22.99
C THR A 444 -34.28 5.09 -23.53
N ARG A 445 -33.81 5.29 -24.76
CA ARG A 445 -32.80 4.38 -25.30
C ARG A 445 -31.44 4.63 -24.65
N ILE A 446 -31.13 5.90 -24.34
CA ILE A 446 -29.90 6.19 -23.60
C ILE A 446 -29.94 5.57 -22.21
N ASN A 447 -31.09 5.68 -21.53
CA ASN A 447 -31.25 5.02 -20.23
C ASN A 447 -31.04 3.51 -20.37
N ASN A 448 -31.55 2.93 -21.45
CA ASN A 448 -31.32 1.51 -21.72
C ASN A 448 -29.82 1.19 -21.80
N HIS A 449 -29.06 2.05 -22.49
CA HIS A 449 -27.62 1.82 -22.65
C HIS A 449 -26.89 2.00 -21.33
N LEU A 450 -27.25 3.04 -20.58
CA LEU A 450 -26.70 3.22 -19.25
C LEU A 450 -27.02 2.02 -18.37
N SER A 451 -28.24 1.50 -18.46
CA SER A 451 -28.62 0.38 -17.60
C SER A 451 -27.85 -0.88 -17.99
N TRP A 452 -27.67 -1.11 -19.30
CA TRP A 452 -26.90 -2.25 -19.76
C TRP A 452 -25.50 -2.28 -19.14
N VAL A 453 -24.73 -1.21 -19.32
CA VAL A 453 -23.35 -1.25 -18.82
C VAL A 453 -23.33 -1.32 -17.29
N ARG A 454 -24.32 -0.73 -16.62
CA ARG A 454 -24.36 -0.80 -15.17
C ARG A 454 -24.70 -2.20 -14.68
N SER A 455 -25.62 -2.90 -15.37
CA SER A 455 -25.96 -4.27 -14.99
C SER A 455 -24.81 -5.22 -15.28
N VAL A 456 -24.12 -5.02 -16.40
CA VAL A 456 -22.91 -5.78 -16.68
C VAL A 456 -21.94 -5.63 -15.52
N TYR A 457 -21.72 -4.38 -15.09
CA TYR A 457 -20.84 -4.11 -13.96
C TYR A 457 -21.31 -4.83 -12.70
N ASP A 458 -22.60 -4.68 -12.39
CA ASP A 458 -23.18 -5.37 -11.23
C ASP A 458 -23.00 -6.87 -11.33
N SER A 459 -23.18 -7.44 -12.53
CA SER A 459 -23.05 -8.89 -12.67
C SER A 459 -21.65 -9.38 -12.36
N MET A 460 -20.63 -8.52 -12.50
CA MET A 460 -19.26 -8.96 -12.31
C MET A 460 -18.79 -8.80 -10.87
N THR A 461 -19.62 -8.23 -9.98
CA THR A 461 -19.23 -8.04 -8.57
C THR A 461 -18.51 -9.24 -7.96
N PRO A 462 -18.95 -10.50 -8.13
CA PRO A 462 -18.27 -11.60 -7.44
C PRO A 462 -16.87 -11.89 -7.95
N TYR A 463 -16.51 -11.43 -9.15
CA TYR A 463 -15.29 -11.89 -9.79
C TYR A 463 -14.19 -10.83 -9.85
N VAL A 464 -14.43 -9.64 -9.31
CA VAL A 464 -13.49 -8.52 -9.43
C VAL A 464 -13.04 -8.11 -8.03
N SER A 465 -12.16 -7.12 -7.93
CA SER A 465 -11.63 -6.74 -6.64
C SER A 465 -12.74 -6.27 -5.70
N LYS A 466 -12.51 -6.38 -4.40
CA LYS A 466 -13.50 -5.95 -3.43
C LYS A 466 -12.81 -5.37 -2.22
N ASN A 467 -13.55 -4.55 -1.47
CA ASN A 467 -13.14 -4.01 -0.19
C ASN A 467 -11.73 -3.40 -0.22
N PRO A 468 -11.49 -2.36 -1.04
CA PRO A 468 -12.48 -1.72 -1.90
C PRO A 468 -12.54 -2.33 -3.30
N ARG A 469 -13.68 -2.17 -3.95
CA ARG A 469 -13.80 -2.48 -5.37
C ARG A 469 -13.03 -1.41 -6.16
N GLY A 470 -11.87 -1.77 -6.70
CA GLY A 470 -11.01 -0.78 -7.31
C GLY A 470 -11.63 -0.14 -8.54
N ALA A 471 -11.24 1.10 -8.77
CA ALA A 471 -11.66 1.87 -9.94
C ALA A 471 -10.50 2.73 -10.38
N TYR A 472 -10.47 3.05 -11.66
CA TYR A 472 -9.36 3.80 -12.25
C TYR A 472 -9.77 5.26 -12.44
N LEU A 473 -9.05 6.19 -11.78
CA LEU A 473 -9.41 7.60 -11.81
C LEU A 473 -9.51 8.14 -13.24
N ASN A 474 -8.57 7.78 -14.12
CA ASN A 474 -8.63 8.29 -15.49
C ASN A 474 -9.72 7.59 -16.30
N PHE A 475 -10.30 6.52 -15.78
CA PHE A 475 -11.58 6.01 -16.27
C PHE A 475 -12.70 6.49 -15.33
N ARG A 476 -12.82 7.80 -15.19
CA ARG A 476 -13.66 8.33 -14.12
C ARG A 476 -15.09 7.82 -14.23
N ASP A 477 -15.67 7.45 -13.09
CA ASP A 477 -17.01 6.88 -13.05
C ASP A 477 -17.73 7.46 -11.83
N LEU A 478 -18.70 8.35 -12.07
CA LEU A 478 -19.46 8.90 -10.94
C LEU A 478 -20.33 7.85 -10.27
N ASP A 479 -20.70 6.78 -10.98
CA ASP A 479 -21.57 5.75 -10.39
C ASP A 479 -20.98 5.13 -9.12
N ILE A 480 -19.66 5.18 -8.94
CA ILE A 480 -19.08 4.51 -7.77
C ILE A 480 -19.20 5.34 -6.50
N GLY A 481 -19.76 6.54 -6.59
CA GLY A 481 -19.93 7.40 -5.42
C GLY A 481 -19.58 8.84 -5.78
N VAL A 482 -20.29 9.79 -5.17
CA VAL A 482 -20.02 11.21 -5.33
C VAL A 482 -20.04 11.85 -3.94
N ASN A 483 -19.51 13.07 -3.88
CA ASN A 483 -19.50 13.82 -2.62
C ASN A 483 -20.91 14.31 -2.29
N PRO A 484 -21.28 14.33 -1.02
CA PRO A 484 -22.44 15.14 -0.60
C PRO A 484 -22.13 16.62 -0.69
N ASN A 485 -23.19 17.41 -0.78
CA ASN A 485 -23.02 18.84 -0.54
C ASN A 485 -22.45 19.01 0.86
N GLU A 486 -21.32 19.72 0.94
CA GLU A 486 -20.62 19.88 2.22
C GLU A 486 -21.54 20.42 3.31
N SER A 487 -22.54 21.22 2.92
CA SER A 487 -23.52 21.70 3.89
C SER A 487 -24.51 20.63 4.33
N ASP A 488 -24.67 19.54 3.55
CA ASP A 488 -25.59 18.46 3.91
C ASP A 488 -24.91 17.32 4.65
N THR A 489 -23.86 17.60 5.41
CA THR A 489 -23.22 16.59 6.23
C THR A 489 -23.48 16.90 7.70
N THR A 490 -23.28 15.90 8.55
CA THR A 490 -23.52 16.07 9.97
C THR A 490 -22.25 16.27 10.78
N SER A 491 -21.08 16.11 10.17
CA SER A 491 -19.80 16.27 10.86
C SER A 491 -18.70 16.25 9.81
N ALA A 492 -17.51 16.67 10.23
CA ALA A 492 -16.35 16.55 9.37
C ALA A 492 -16.06 15.08 9.08
N TYR A 493 -16.04 14.24 10.14
CA TYR A 493 -15.90 12.80 9.94
C TYR A 493 -16.91 12.27 8.93
N ASN A 494 -18.15 12.77 9.00
CA ASN A 494 -19.21 12.32 8.10
C ASN A 494 -18.87 12.64 6.64
N TYR A 495 -18.43 13.88 6.40
CA TYR A 495 -18.02 14.30 5.06
C TYR A 495 -16.93 13.38 4.51
N VAL A 496 -15.91 13.08 5.32
CA VAL A 496 -14.81 12.27 4.83
C VAL A 496 -15.25 10.84 4.59
N LYS A 497 -16.07 10.28 5.48
CA LYS A 497 -16.44 8.87 5.32
C LYS A 497 -17.29 8.65 4.07
N GLN A 498 -18.26 9.54 3.81
CA GLN A 498 -19.04 9.47 2.57
C GLN A 498 -18.12 9.54 1.36
N ALA A 499 -17.19 10.49 1.35
CA ALA A 499 -16.29 10.65 0.21
C ALA A 499 -15.40 9.41 0.02
N SER A 500 -15.04 8.73 1.11
CA SER A 500 -14.19 7.54 1.01
C SER A 500 -14.85 6.39 0.23
N VAL A 501 -16.18 6.42 0.07
CA VAL A 501 -16.88 5.45 -0.77
C VAL A 501 -16.24 5.38 -2.15
N TRP A 502 -16.10 6.55 -2.81
CA TRP A 502 -15.38 6.57 -4.08
C TRP A 502 -13.89 6.73 -3.88
N GLY A 503 -13.49 7.39 -2.79
CA GLY A 503 -12.08 7.72 -2.60
C GLY A 503 -11.19 6.49 -2.47
N THR A 504 -11.59 5.53 -1.63
CA THR A 504 -10.75 4.34 -1.43
C THR A 504 -10.82 3.43 -2.65
N LYS A 505 -11.82 3.57 -3.52
CA LYS A 505 -11.83 2.79 -4.75
C LYS A 505 -10.74 3.26 -5.72
N TYR A 506 -10.57 4.58 -5.83
CA TYR A 506 -9.54 5.13 -6.71
C TYR A 506 -8.14 5.01 -6.12
N PHE A 507 -8.04 5.13 -4.78
CA PHE A 507 -6.77 5.44 -4.13
C PHE A 507 -6.43 4.50 -2.97
N LYS A 508 -7.31 3.57 -2.62
CA LYS A 508 -7.15 2.76 -1.42
C LYS A 508 -6.88 3.69 -0.22
N ASN A 509 -5.94 3.37 0.67
CA ASN A 509 -5.82 4.27 1.81
C ASN A 509 -4.96 5.50 1.56
N ASN A 510 -4.39 5.66 0.35
CA ASN A 510 -3.80 6.94 0.02
C ASN A 510 -4.82 8.06 0.11
N PHE A 511 -6.09 7.74 -0.06
CA PHE A 511 -7.16 8.71 0.10
C PHE A 511 -7.05 9.44 1.43
N TYR A 512 -6.77 8.70 2.52
CA TYR A 512 -6.79 9.34 3.83
C TYR A 512 -5.58 10.26 4.03
N LYS A 513 -4.43 9.93 3.46
CA LYS A 513 -3.32 10.88 3.52
C LYS A 513 -3.65 12.13 2.70
N MET A 514 -4.31 11.94 1.57
CA MET A 514 -4.71 13.07 0.73
C MET A 514 -5.72 13.98 1.42
N VAL A 515 -6.58 13.41 2.28
CA VAL A 515 -7.53 14.23 3.02
C VAL A 515 -6.82 15.23 3.93
N PHE A 516 -5.76 14.79 4.62
CA PHE A 516 -5.00 15.71 5.44
C PHE A 516 -4.29 16.76 4.60
N ILE A 517 -3.70 16.35 3.48
CA ILE A 517 -3.02 17.31 2.62
C ILE A 517 -4.00 18.36 2.10
N LYS A 518 -5.19 17.90 1.68
CA LYS A 518 -6.25 18.81 1.24
C LYS A 518 -6.59 19.82 2.33
N THR A 519 -6.68 19.35 3.57
CA THR A 519 -6.99 20.24 4.68
C THR A 519 -5.93 21.32 4.83
N LEU A 520 -4.65 20.97 4.62
CA LEU A 520 -3.59 21.97 4.74
C LEU A 520 -3.64 22.98 3.61
N VAL A 521 -3.72 22.50 2.36
CA VAL A 521 -3.50 23.39 1.22
C VAL A 521 -4.77 24.02 0.64
N ASP A 522 -5.95 23.53 0.98
CA ASP A 522 -7.20 24.15 0.54
C ASP A 522 -8.25 24.04 1.65
N PRO A 523 -8.00 24.69 2.79
CA PRO A 523 -8.90 24.50 3.95
C PRO A 523 -10.30 25.05 3.72
N THR A 524 -10.46 26.08 2.90
CA THR A 524 -11.81 26.57 2.63
C THR A 524 -12.50 25.82 1.50
N ASN A 525 -11.86 24.78 0.93
CA ASN A 525 -12.47 23.95 -0.10
C ASN A 525 -12.84 24.77 -1.35
N PHE A 526 -11.90 25.56 -1.82
CA PHE A 526 -12.11 26.29 -3.08
C PHE A 526 -12.22 25.33 -4.26
N PHE A 527 -11.40 24.28 -4.29
CA PHE A 527 -11.44 23.32 -5.39
C PHE A 527 -12.42 22.20 -5.01
N THR A 528 -13.68 22.33 -5.43
CA THR A 528 -14.74 21.36 -5.17
C THR A 528 -15.34 20.84 -6.46
N TYR A 529 -15.77 19.57 -6.44
CA TYR A 529 -16.62 19.00 -7.50
C TYR A 529 -17.10 17.63 -7.01
N GLU A 530 -17.72 16.86 -7.91
CA GLU A 530 -18.41 15.64 -7.53
C GLU A 530 -17.47 14.63 -6.88
N GLN A 531 -16.17 14.68 -7.21
CA GLN A 531 -15.22 13.73 -6.62
C GLN A 531 -13.95 14.44 -6.21
N SER A 532 -14.11 15.62 -5.61
CA SER A 532 -12.97 16.30 -5.03
C SER A 532 -12.64 15.70 -3.67
N ILE A 533 -11.35 15.49 -3.42
CA ILE A 533 -10.85 15.17 -2.09
C ILE A 533 -11.42 16.18 -1.10
N PRO A 534 -12.11 15.75 -0.04
CA PRO A 534 -12.62 16.70 0.97
C PRO A 534 -11.56 17.09 1.98
N PRO A 535 -11.61 18.32 2.49
CA PRO A 535 -10.81 18.67 3.65
C PRO A 535 -11.49 18.20 4.92
N ILE A 536 -10.73 18.17 6.01
CA ILE A 536 -11.31 17.99 7.34
C ILE A 536 -11.93 19.33 7.73
N LEU A 537 -13.26 19.42 7.71
CA LEU A 537 -13.92 20.69 7.98
C LEU A 537 -13.75 21.08 9.44
N HIS A 538 -13.44 22.37 9.67
CA HIS A 538 -13.17 22.83 11.02
C HIS A 538 -14.44 22.84 11.87
N HIS A 539 -15.56 23.22 11.27
CA HIS A 539 -16.82 23.31 12.00
C HIS A 539 -18.02 23.18 11.07
N PHE B 30 -7.34 7.92 43.73
CA PHE B 30 -7.38 6.89 42.69
C PHE B 30 -7.57 5.51 43.34
N LEU B 31 -6.76 5.25 44.35
CA LEU B 31 -6.79 3.97 45.04
C LEU B 31 -8.14 3.71 45.67
N GLN B 32 -8.68 4.71 46.37
CA GLN B 32 -9.98 4.56 47.02
C GLN B 32 -11.10 4.35 46.00
N CYS B 33 -11.03 5.07 44.87
CA CYS B 33 -11.97 4.83 43.77
C CYS B 33 -11.96 3.35 43.35
N LEU B 34 -10.76 2.80 43.13
CA LEU B 34 -10.65 1.41 42.71
C LEU B 34 -11.17 0.44 43.77
N SER B 35 -10.70 0.57 45.00
CA SER B 35 -10.95 -0.46 45.99
C SER B 35 -12.38 -0.41 46.55
N SER B 36 -13.17 0.60 46.20
CA SER B 36 -14.60 0.55 46.50
C SER B 36 -15.40 -0.21 45.44
N ARG B 37 -14.77 -0.51 44.30
CA ARG B 37 -15.46 -1.08 43.13
C ARG B 37 -14.92 -2.42 42.67
N ILE B 38 -13.65 -2.73 42.94
CA ILE B 38 -13.11 -4.03 42.55
C ILE B 38 -12.42 -4.64 43.76
N PRO B 39 -12.23 -5.96 43.77
CA PRO B 39 -11.66 -6.61 44.95
C PRO B 39 -10.30 -6.01 45.28
N LYS B 40 -10.10 -5.70 46.56
CA LYS B 40 -8.87 -5.03 46.95
C LYS B 40 -7.64 -5.90 46.70
N SER B 41 -7.83 -7.21 46.58
CA SER B 41 -6.73 -8.14 46.38
C SER B 41 -6.31 -8.30 44.92
N ILE B 42 -6.88 -7.55 43.98
CA ILE B 42 -6.27 -7.46 42.65
C ILE B 42 -5.64 -6.09 42.43
N ILE B 43 -5.46 -5.32 43.50
CA ILE B 43 -4.89 -3.99 43.43
C ILE B 43 -3.53 -4.04 44.12
N TYR B 44 -2.47 -3.78 43.37
CA TYR B 44 -1.10 -3.79 43.91
C TYR B 44 -0.57 -2.37 43.92
N ALA B 45 -0.51 -1.76 45.09
CA ALA B 45 0.09 -0.44 45.24
C ALA B 45 1.59 -0.57 45.47
N SER B 46 2.31 0.53 45.21
CA SER B 46 3.76 0.63 45.38
C SER B 46 4.28 -0.05 46.64
N ASN B 47 3.50 0.00 47.71
CA ASN B 47 3.91 -0.55 49.00
C ASN B 47 3.48 -1.99 49.23
N ASN B 48 2.69 -2.58 48.33
CA ASN B 48 2.31 -3.98 48.50
C ASN B 48 3.55 -4.86 48.43
N PRO B 49 3.70 -5.84 49.35
CA PRO B 49 4.87 -6.73 49.26
C PRO B 49 5.05 -7.34 47.88
N SER B 50 3.96 -7.79 47.26
CA SER B 50 4.02 -8.46 45.98
C SER B 50 3.97 -7.49 44.79
N TYR B 51 3.95 -6.17 45.03
CA TYR B 51 3.95 -5.20 43.94
C TYR B 51 5.19 -5.38 43.06
N SER B 52 6.36 -5.44 43.69
CA SER B 52 7.60 -5.56 42.97
C SER B 52 7.69 -6.88 42.20
N ASN B 53 7.10 -7.96 42.74
CA ASN B 53 7.06 -9.22 42.03
C ASN B 53 6.18 -9.15 40.78
N VAL B 54 4.99 -8.56 40.93
CA VAL B 54 4.10 -8.39 39.78
C VAL B 54 4.75 -7.51 38.72
N LEU B 55 5.38 -6.42 39.15
CA LEU B 55 6.00 -5.51 38.20
C LEU B 55 7.14 -6.20 37.44
N ASP B 56 8.07 -6.83 38.18
CA ASP B 56 9.27 -7.40 37.60
C ASP B 56 9.00 -8.66 36.75
N SER B 57 8.01 -9.46 37.14
CA SER B 57 7.81 -10.78 36.54
C SER B 57 7.56 -10.71 35.04
N THR B 58 7.00 -9.61 34.53
CA THR B 58 6.85 -9.48 33.09
C THR B 58 7.45 -8.17 32.57
N THR B 59 8.49 -7.67 33.23
CA THR B 59 9.39 -6.67 32.65
C THR B 59 10.39 -7.45 31.80
N GLN B 60 10.04 -7.67 30.52
CA GLN B 60 10.76 -8.69 29.75
C GLN B 60 12.07 -8.18 29.12
N ASN B 61 12.28 -6.87 29.02
CA ASN B 61 13.60 -6.35 28.67
C ASN B 61 14.29 -5.88 29.94
N PRO B 62 15.29 -6.60 30.46
CA PRO B 62 15.95 -6.18 31.72
C PRO B 62 16.62 -4.81 31.63
N ARG B 63 16.77 -4.25 30.43
CA ARG B 63 17.29 -2.90 30.33
C ARG B 63 16.54 -1.94 31.26
N PHE B 64 15.24 -2.15 31.44
CA PHE B 64 14.38 -1.20 32.13
C PHE B 64 14.21 -1.51 33.61
N LEU B 65 14.96 -2.47 34.14
CA LEU B 65 14.88 -2.74 35.57
C LEU B 65 15.41 -1.57 36.39
N SER B 66 16.20 -0.69 35.79
CA SER B 66 16.72 0.49 36.46
C SER B 66 16.04 1.77 36.00
N SER B 67 14.96 1.67 35.24
CA SER B 67 14.32 2.84 34.69
C SER B 67 13.51 3.57 35.75
N SER B 68 13.65 4.90 35.78
CA SER B 68 12.82 5.73 36.66
C SER B 68 11.38 5.89 36.16
N THR B 69 11.06 5.48 34.94
CA THR B 69 9.68 5.53 34.48
C THR B 69 8.95 4.21 34.67
N ARG B 70 9.60 3.21 35.25
CA ARG B 70 8.95 1.93 35.53
C ARG B 70 8.43 1.92 36.96
N ASN B 71 7.52 2.85 37.24
CA ASN B 71 6.99 3.04 38.60
C ASN B 71 5.50 3.33 38.54
N PRO B 72 4.69 2.37 38.10
CA PRO B 72 3.24 2.59 38.13
C PRO B 72 2.78 2.80 39.57
N SER B 73 1.80 3.68 39.75
CA SER B 73 1.26 3.90 41.09
C SER B 73 0.50 2.69 41.58
N VAL B 74 -0.11 1.95 40.65
CA VAL B 74 -0.93 0.80 40.96
C VAL B 74 -0.78 -0.20 39.81
N ILE B 75 -0.78 -1.49 40.13
CA ILE B 75 -1.02 -2.52 39.12
C ILE B 75 -2.31 -3.24 39.50
N VAL B 76 -3.23 -3.34 38.54
CA VAL B 76 -4.49 -4.05 38.74
C VAL B 76 -4.45 -5.31 37.89
N THR B 77 -4.75 -6.46 38.52
CA THR B 77 -4.72 -7.74 37.81
C THR B 77 -6.13 -8.33 37.73
N PRO B 78 -6.96 -7.86 36.81
CA PRO B 78 -8.35 -8.35 36.77
C PRO B 78 -8.38 -9.83 36.44
N PHE B 79 -9.43 -10.52 36.89
CA PHE B 79 -9.64 -11.88 36.44
C PHE B 79 -11.07 -12.09 35.94
N LYS B 80 -11.94 -11.11 36.07
CA LYS B 80 -13.22 -11.11 35.38
C LYS B 80 -13.29 -9.87 34.50
N ILE B 81 -14.09 -9.95 33.43
CA ILE B 81 -14.24 -8.81 32.53
C ILE B 81 -14.80 -7.61 33.27
N SER B 82 -15.72 -7.85 34.21
CA SER B 82 -16.35 -6.75 34.95
C SER B 82 -15.37 -5.99 35.83
N HIS B 83 -14.17 -6.53 36.05
CA HIS B 83 -13.17 -5.77 36.80
C HIS B 83 -12.58 -4.61 36.02
N ILE B 84 -12.79 -4.56 34.71
CA ILE B 84 -11.99 -3.67 33.88
C ILE B 84 -12.62 -2.30 33.75
N GLN B 85 -13.92 -2.25 33.46
CA GLN B 85 -14.60 -0.94 33.34
C GLN B 85 -14.38 -0.04 34.55
N PRO B 86 -14.39 -0.52 35.80
CA PRO B 86 -14.10 0.40 36.91
C PRO B 86 -12.71 1.05 36.84
N THR B 87 -11.69 0.35 36.33
CA THR B 87 -10.38 1.01 36.23
C THR B 87 -10.38 2.12 35.18
N ILE B 88 -11.16 1.95 34.10
CA ILE B 88 -11.29 3.02 33.12
C ILE B 88 -11.94 4.24 33.75
N TYR B 89 -13.04 4.04 34.47
CA TYR B 89 -13.72 5.15 35.13
C TYR B 89 -12.79 5.87 36.09
N CYS B 90 -12.10 5.13 36.97
CA CYS B 90 -11.30 5.76 38.00
C CYS B 90 -10.07 6.45 37.42
N SER B 91 -9.45 5.85 36.39
CA SER B 91 -8.24 6.46 35.85
C SER B 91 -8.56 7.74 35.08
N LYS B 92 -9.69 7.78 34.37
CA LYS B 92 -10.20 9.04 33.82
C LYS B 92 -10.43 10.05 34.93
N LYS B 93 -11.21 9.67 35.94
CA LYS B 93 -11.68 10.60 36.96
C LYS B 93 -10.51 11.19 37.75
N HIS B 94 -9.41 10.44 37.89
CA HIS B 94 -8.31 10.90 38.71
C HIS B 94 -7.05 11.22 37.91
N GLY B 95 -7.14 11.21 36.58
CA GLY B 95 -6.04 11.65 35.75
C GLY B 95 -4.85 10.71 35.71
N VAL B 96 -5.08 9.40 35.81
CA VAL B 96 -4.00 8.42 35.83
C VAL B 96 -4.00 7.69 34.49
N GLN B 97 -2.85 7.64 33.83
CA GLN B 97 -2.76 7.07 32.49
C GLN B 97 -2.77 5.55 32.56
N ILE B 98 -3.46 4.93 31.63
CA ILE B 98 -3.47 3.47 31.56
C ILE B 98 -2.25 3.02 30.76
N ARG B 99 -1.66 1.90 31.17
CA ARG B 99 -0.73 1.13 30.34
C ARG B 99 -1.21 -0.31 30.37
N ILE B 100 -1.47 -0.90 29.20
CA ILE B 100 -2.01 -2.25 29.14
C ILE B 100 -0.85 -3.23 29.03
N ARG B 101 -0.88 -4.31 29.81
CA ARG B 101 0.18 -5.30 29.75
C ARG B 101 -0.43 -6.70 29.71
N SER B 102 -0.06 -7.46 28.69
CA SER B 102 -0.40 -8.87 28.60
C SER B 102 0.87 -9.69 28.84
N GLY B 103 1.69 -9.86 27.81
CA GLY B 103 2.90 -10.64 27.97
C GLY B 103 4.05 -9.81 28.49
N GLY B 104 3.99 -8.49 28.30
CA GLY B 104 5.05 -7.60 28.74
C GLY B 104 6.28 -7.62 27.85
N HIS B 105 6.17 -8.16 26.65
CA HIS B 105 7.31 -8.33 25.77
C HIS B 105 7.57 -7.12 24.87
N ASP B 106 6.81 -6.03 25.01
CA ASP B 106 7.09 -4.83 24.23
C ASP B 106 8.55 -4.45 24.35
N TYR B 107 9.23 -4.35 23.22
CA TYR B 107 10.68 -4.21 23.27
C TYR B 107 11.12 -2.87 23.87
N GLU B 108 10.27 -1.87 23.91
CA GLU B 108 10.56 -0.61 24.58
C GLU B 108 9.94 -0.55 25.97
N GLY B 109 9.32 -1.64 26.42
CA GLY B 109 8.69 -1.66 27.73
C GLY B 109 7.55 -0.68 27.91
N LEU B 110 6.81 -0.37 26.83
CA LEU B 110 5.77 0.65 26.95
C LEU B 110 4.58 0.16 27.77
N SER B 111 4.43 -1.15 27.93
CA SER B 111 3.36 -1.71 28.74
C SER B 111 3.62 -1.55 30.24
N TYR B 112 4.82 -1.08 30.65
CA TYR B 112 5.08 -0.90 32.07
C TYR B 112 5.85 0.37 32.42
N GLN B 113 5.83 1.38 31.55
CA GLN B 113 6.54 2.63 31.80
C GLN B 113 5.74 3.81 31.26
N SER B 114 5.94 4.97 31.88
CA SER B 114 5.36 6.22 31.42
C SER B 114 6.05 7.37 32.15
N SER B 115 6.14 8.53 31.50
CA SER B 115 6.67 9.70 32.17
C SER B 115 5.61 10.50 32.91
N VAL B 116 4.35 10.06 32.90
CA VAL B 116 3.31 10.73 33.69
C VAL B 116 2.76 9.69 34.65
N PRO B 117 2.07 10.13 35.71
CA PRO B 117 1.48 9.15 36.64
C PRO B 117 0.58 8.16 35.90
N PHE B 118 0.79 6.87 36.16
CA PHE B 118 0.11 5.84 35.38
C PHE B 118 -0.13 4.61 36.25
N PHE B 119 -0.95 3.71 35.73
CA PHE B 119 -1.16 2.41 36.34
C PHE B 119 -1.07 1.36 35.25
N ILE B 120 -0.76 0.13 35.63
CA ILE B 120 -0.73 -0.98 34.68
C ILE B 120 -1.99 -1.81 34.86
N LEU B 121 -2.71 -2.00 33.76
CA LEU B 121 -3.80 -2.97 33.72
C LEU B 121 -3.19 -4.27 33.20
N ASP B 122 -2.88 -5.18 34.11
CA ASP B 122 -2.15 -6.41 33.80
C ASP B 122 -3.14 -7.55 33.60
N LEU B 123 -3.14 -8.14 32.40
CA LEU B 123 -4.14 -9.10 31.98
C LEU B 123 -3.72 -10.57 32.13
N ARG B 124 -2.64 -10.85 32.88
CA ARG B 124 -2.10 -12.22 32.97
C ARG B 124 -3.14 -13.26 33.41
N ASN B 125 -4.09 -12.89 34.26
CA ASN B 125 -5.09 -13.85 34.73
C ASN B 125 -6.21 -14.11 33.73
N ILE B 126 -6.40 -13.24 32.75
CA ILE B 126 -7.43 -13.43 31.73
C ILE B 126 -6.75 -14.16 30.59
N ASN B 127 -6.67 -15.49 30.73
CA ASN B 127 -5.77 -16.27 29.89
C ASN B 127 -6.35 -17.62 29.50
N SER B 128 -7.67 -17.73 29.42
CA SER B 128 -8.23 -19.03 29.09
C SER B 128 -8.32 -19.18 27.58
N ILE B 129 -8.36 -20.44 27.14
CA ILE B 129 -8.25 -20.78 25.73
C ILE B 129 -9.26 -21.88 25.42
N GLN B 130 -10.04 -21.69 24.36
CA GLN B 130 -10.94 -22.70 23.85
C GLN B 130 -10.61 -22.98 22.39
N VAL B 131 -10.40 -24.26 22.07
CA VAL B 131 -10.01 -24.71 20.73
C VAL B 131 -11.13 -25.57 20.16
N ASP B 132 -11.54 -25.25 18.94
CA ASP B 132 -12.57 -26.03 18.25
C ASP B 132 -11.90 -26.64 17.01
N VAL B 133 -11.55 -27.94 17.11
CA VAL B 133 -10.82 -28.56 16.00
C VAL B 133 -11.73 -28.76 14.80
N GLU B 134 -13.03 -28.96 15.03
CA GLU B 134 -13.96 -29.16 13.92
C GLU B 134 -14.13 -27.88 13.11
N LYS B 135 -14.26 -26.74 13.78
CA LYS B 135 -14.38 -25.46 13.10
C LYS B 135 -13.04 -24.87 12.73
N LYS B 136 -11.94 -25.47 13.20
CA LYS B 136 -10.61 -24.93 13.00
C LYS B 136 -10.50 -23.46 13.46
N SER B 137 -10.91 -23.23 14.71
CA SER B 137 -10.87 -21.89 15.28
C SER B 137 -10.63 -21.98 16.78
N ALA B 138 -10.22 -20.86 17.37
CA ALA B 138 -9.97 -20.83 18.81
C ALA B 138 -10.22 -19.43 19.34
N TRP B 139 -10.81 -19.36 20.54
CA TRP B 139 -10.87 -18.13 21.29
C TRP B 139 -9.72 -18.10 22.28
N VAL B 140 -8.94 -17.02 22.24
CA VAL B 140 -7.69 -16.92 22.99
C VAL B 140 -7.73 -15.61 23.74
N GLU B 141 -7.82 -15.69 25.07
CA GLU B 141 -7.83 -14.49 25.90
C GLU B 141 -6.44 -13.84 25.91
N ALA B 142 -6.44 -12.52 26.16
CA ALA B 142 -5.26 -11.68 25.94
C ALA B 142 -4.05 -12.12 26.76
N GLY B 143 -4.28 -12.63 27.98
CA GLY B 143 -3.17 -12.95 28.85
C GLY B 143 -2.51 -14.30 28.59
N ALA B 144 -3.08 -15.09 27.69
CA ALA B 144 -2.46 -16.35 27.31
C ALA B 144 -1.21 -16.08 26.48
N THR B 145 -0.19 -16.90 26.68
CA THR B 145 1.03 -16.80 25.89
C THR B 145 0.93 -17.67 24.63
N LEU B 146 1.82 -17.39 23.67
CA LEU B 146 1.93 -18.25 22.49
C LEU B 146 2.16 -19.70 22.89
N GLY B 147 3.01 -19.93 23.89
CA GLY B 147 3.26 -21.30 24.31
C GLY B 147 2.02 -22.00 24.80
N GLU B 148 1.21 -21.31 25.62
CA GLU B 148 -0.03 -21.91 26.09
C GLU B 148 -0.98 -22.16 24.92
N LEU B 149 -1.06 -21.24 23.96
CA LEU B 149 -1.92 -21.46 22.81
C LEU B 149 -1.46 -22.65 22.00
N TYR B 150 -0.15 -22.71 21.70
CA TYR B 150 0.39 -23.81 20.91
C TYR B 150 0.17 -25.14 21.62
N TYR B 151 0.35 -25.15 22.94
CA TYR B 151 0.06 -26.36 23.72
C TYR B 151 -1.40 -26.77 23.60
N SER B 152 -2.33 -25.81 23.81
CA SER B 152 -3.75 -26.14 23.75
C SER B 152 -4.15 -26.68 22.38
N ILE B 153 -3.56 -26.14 21.31
CA ILE B 153 -3.86 -26.64 19.97
C ILE B 153 -3.35 -28.07 19.80
N ALA B 154 -2.06 -28.30 20.10
CA ALA B 154 -1.45 -29.59 19.81
C ALA B 154 -2.07 -30.71 20.64
N LYS B 155 -2.53 -30.40 21.86
CA LYS B 155 -3.20 -31.42 22.66
C LYS B 155 -4.48 -31.90 22.03
N LYS B 156 -5.12 -31.08 21.18
CA LYS B 156 -6.34 -31.53 20.53
C LYS B 156 -6.15 -32.02 19.11
N SER B 157 -5.02 -31.71 18.47
CA SER B 157 -4.84 -32.08 17.07
C SER B 157 -3.36 -32.08 16.72
N LYS B 158 -2.94 -33.08 15.97
CA LYS B 158 -1.56 -33.15 15.49
C LYS B 158 -1.35 -32.33 14.22
N THR B 159 -2.42 -31.98 13.49
CA THR B 159 -2.29 -31.33 12.19
C THR B 159 -2.97 -29.96 12.13
N LEU B 160 -3.15 -29.29 13.27
CA LEU B 160 -3.60 -27.90 13.28
C LEU B 160 -2.60 -27.05 14.04
N GLY B 161 -2.47 -25.79 13.63
CA GLY B 161 -1.56 -24.88 14.28
C GLY B 161 -2.03 -23.45 14.21
N PHE B 162 -1.17 -22.50 14.58
CA PHE B 162 -1.49 -21.10 14.41
C PHE B 162 -0.16 -20.40 14.17
N PRO B 163 -0.05 -19.53 13.14
CA PRO B 163 1.25 -18.89 12.84
C PRO B 163 1.43 -17.66 13.71
N GLY B 164 1.72 -17.87 14.99
CA GLY B 164 1.61 -16.79 15.95
C GLY B 164 2.89 -16.06 16.26
N GLY B 165 4.03 -16.61 15.85
CA GLY B 165 5.32 -16.11 16.26
C GLY B 165 6.11 -17.15 17.03
N LEU B 166 7.35 -16.79 17.35
CA LEU B 166 8.30 -17.77 17.88
C LEU B 166 8.29 -17.89 19.40
N CYS B 167 8.51 -16.78 20.12
CA CYS B 167 8.80 -16.86 21.56
C CYS B 167 7.59 -17.36 22.36
N SER B 168 7.78 -18.41 23.17
CA SER B 168 6.65 -19.02 23.86
C SER B 168 6.07 -18.12 24.96
N THR B 169 6.85 -17.21 25.54
CA THR B 169 6.34 -16.38 26.62
C THR B 169 5.67 -15.09 26.12
N VAL B 170 5.64 -14.84 24.81
CA VAL B 170 4.96 -13.64 24.29
C VAL B 170 3.46 -13.73 24.55
N GLY B 171 2.85 -12.59 24.88
CA GLY B 171 1.41 -12.52 25.05
C GLY B 171 0.67 -12.30 23.74
N VAL B 172 -0.44 -13.02 23.57
CA VAL B 172 -1.28 -12.81 22.39
C VAL B 172 -1.89 -11.42 22.40
N GLY B 173 -2.18 -10.88 23.58
CA GLY B 173 -2.78 -9.56 23.66
C GLY B 173 -1.99 -8.52 22.90
N GLY B 174 -0.67 -8.49 23.10
CA GLY B 174 0.17 -7.58 22.33
C GLY B 174 0.49 -8.12 20.94
N GLN B 175 0.89 -9.40 20.85
CA GLN B 175 1.39 -9.96 19.60
C GLN B 175 0.37 -9.82 18.47
N LEU B 176 -0.87 -10.27 18.69
CA LEU B 176 -1.81 -10.29 17.58
C LEU B 176 -2.29 -8.91 17.20
N GLY B 177 -2.08 -7.91 18.06
CA GLY B 177 -2.35 -6.54 17.68
C GLY B 177 -1.26 -5.85 16.87
N GLY B 178 -0.10 -6.48 16.66
CA GLY B 178 0.98 -5.81 15.94
C GLY B 178 1.58 -6.57 14.78
N GLY B 179 0.93 -7.63 14.31
CA GLY B 179 1.47 -8.40 13.20
C GLY B 179 1.75 -9.83 13.64
N GLY B 180 2.95 -10.07 14.20
CA GLY B 180 3.31 -11.37 14.70
C GLY B 180 3.95 -12.21 13.63
N TYR B 181 5.27 -12.16 13.57
CA TYR B 181 6.04 -12.81 12.51
C TYR B 181 6.75 -14.01 13.10
N GLY B 182 6.94 -15.04 12.29
CA GLY B 182 7.73 -16.18 12.72
C GLY B 182 8.12 -17.09 11.57
N TYR B 183 8.57 -18.31 11.92
CA TYR B 183 8.96 -19.27 10.88
C TYR B 183 7.78 -19.66 9.99
N GLN B 184 6.54 -19.45 10.45
CA GLN B 184 5.38 -19.85 9.67
C GLN B 184 4.86 -18.76 8.74
N SER B 185 5.39 -17.53 8.84
CA SER B 185 4.74 -16.39 8.19
C SER B 185 4.76 -16.47 6.67
N ARG B 186 5.90 -16.90 6.06
CA ARG B 186 5.92 -17.00 4.60
C ARG B 186 4.91 -18.02 4.10
N THR B 187 4.56 -19.00 4.93
CA THR B 187 3.64 -20.04 4.50
C THR B 187 2.19 -19.66 4.77
N TYR B 188 1.89 -19.02 5.91
CA TYR B 188 0.51 -18.80 6.32
C TYR B 188 0.16 -17.35 6.59
N GLY B 189 1.10 -16.42 6.43
CA GLY B 189 0.86 -15.04 6.80
C GLY B 189 1.14 -14.82 8.28
N LEU B 190 1.02 -13.56 8.69
CA LEU B 190 1.26 -13.17 10.06
C LEU B 190 0.13 -13.65 10.97
N ALA B 191 0.39 -13.61 12.28
CA ALA B 191 -0.67 -13.86 13.26
C ALA B 191 -1.88 -12.98 12.98
N SER B 192 -1.63 -11.67 12.75
CA SER B 192 -2.71 -10.74 12.50
C SER B 192 -3.42 -11.01 11.18
N ASP B 193 -2.80 -11.75 10.25
CA ASP B 193 -3.50 -12.15 9.02
C ASP B 193 -4.49 -13.29 9.25
N ASN B 194 -4.61 -13.82 10.47
CA ASN B 194 -5.40 -15.02 10.73
C ASN B 194 -6.36 -14.83 11.90
N ILE B 195 -6.91 -13.63 12.04
CA ILE B 195 -7.86 -13.30 13.10
C ILE B 195 -9.23 -13.12 12.48
N ILE B 196 -10.25 -13.75 13.06
CA ILE B 196 -11.61 -13.72 12.51
C ILE B 196 -12.61 -13.06 13.45
N ASP B 197 -12.29 -12.87 14.73
CA ASP B 197 -13.16 -12.11 15.61
C ASP B 197 -12.30 -11.62 16.77
N ALA B 198 -12.90 -10.79 17.61
CA ALA B 198 -12.20 -10.26 18.77
C ALA B 198 -13.23 -9.73 19.74
N GLN B 199 -12.84 -9.66 21.01
CA GLN B 199 -13.61 -9.01 22.05
C GLN B 199 -12.74 -7.94 22.68
N LEU B 200 -13.29 -6.75 22.80
CA LEU B 200 -12.53 -5.55 23.12
C LEU B 200 -13.37 -4.66 24.01
N ILE B 201 -12.73 -4.00 24.97
CA ILE B 201 -13.39 -2.99 25.81
C ILE B 201 -12.90 -1.62 25.36
N ASP B 202 -13.84 -0.73 25.02
CA ASP B 202 -13.45 0.57 24.48
C ASP B 202 -13.33 1.60 25.60
N ALA B 203 -13.08 2.86 25.22
CA ALA B 203 -12.87 3.93 26.19
C ALA B 203 -14.13 4.26 26.99
N ARG B 204 -15.31 3.86 26.51
CA ARG B 204 -16.53 4.00 27.26
C ARG B 204 -16.76 2.85 28.23
N GLY B 205 -15.93 1.82 28.20
CA GLY B 205 -16.17 0.64 29.02
C GLY B 205 -17.15 -0.35 28.43
N ARG B 206 -17.54 -0.19 27.17
CA ARG B 206 -18.43 -1.14 26.53
C ARG B 206 -17.62 -2.34 26.02
N ILE B 207 -18.18 -3.53 26.14
CA ILE B 207 -17.57 -4.73 25.59
C ILE B 207 -18.09 -4.92 24.17
N LEU B 208 -17.18 -4.93 23.20
CA LEU B 208 -17.54 -5.05 21.79
C LEU B 208 -16.94 -6.33 21.21
N ASN B 209 -17.63 -6.90 20.22
CA ASN B 209 -17.08 -7.96 19.37
C ASN B 209 -17.00 -7.42 17.93
N ARG B 210 -16.61 -8.29 17.00
CA ARG B 210 -16.47 -7.85 15.61
C ARG B 210 -17.73 -7.17 15.11
N LYS B 211 -18.89 -7.78 15.38
CA LYS B 211 -20.16 -7.24 14.90
C LYS B 211 -20.44 -5.87 15.49
N SER B 212 -20.30 -5.72 16.81
CA SER B 212 -20.67 -4.44 17.42
C SER B 212 -19.56 -3.41 17.34
N MET B 213 -18.30 -3.81 17.08
CA MET B 213 -17.25 -2.80 16.93
C MET B 213 -17.19 -2.24 15.53
N GLY B 214 -17.68 -2.96 14.51
CA GLY B 214 -17.62 -2.51 13.13
C GLY B 214 -16.31 -2.89 12.45
N GLU B 215 -16.35 -2.93 11.11
CA GLU B 215 -15.21 -3.44 10.35
C GLU B 215 -13.98 -2.52 10.43
N ASP B 216 -14.19 -1.20 10.51
CA ASP B 216 -13.06 -0.26 10.62
C ASP B 216 -12.24 -0.54 11.87
N LEU B 217 -12.88 -0.57 13.04
CA LEU B 217 -12.12 -0.84 14.25
C LEU B 217 -11.55 -2.26 14.24
N PHE B 218 -12.29 -3.22 13.68
CA PHE B 218 -11.77 -4.59 13.61
C PHE B 218 -10.56 -4.69 12.69
N TRP B 219 -10.51 -3.86 11.65
CA TRP B 219 -9.32 -3.78 10.81
C TRP B 219 -8.16 -3.14 11.56
N ALA B 220 -8.42 -2.03 12.26
CA ALA B 220 -7.34 -1.28 12.91
C ALA B 220 -6.61 -2.12 13.97
N ILE B 221 -7.35 -2.90 14.76
CA ILE B 221 -6.69 -3.61 15.86
C ILE B 221 -5.83 -4.78 15.39
N ARG B 222 -6.02 -5.25 14.15
CA ARG B 222 -5.30 -6.42 13.64
C ARG B 222 -3.98 -5.99 12.99
N GLY B 223 -3.07 -5.52 13.83
CA GLY B 223 -1.77 -5.08 13.35
C GLY B 223 -1.53 -3.60 13.50
N GLY B 224 -2.55 -2.80 13.81
CA GLY B 224 -2.36 -1.37 14.00
C GLY B 224 -1.98 -0.98 15.42
N GLY B 225 -1.73 -1.93 16.30
CA GLY B 225 -1.44 -1.62 17.68
C GLY B 225 -2.73 -1.41 18.43
N ALA B 226 -3.30 -2.51 18.93
CA ALA B 226 -4.65 -2.47 19.49
C ALA B 226 -4.77 -1.50 20.65
N GLY B 227 -3.70 -1.33 21.44
CA GLY B 227 -3.73 -0.49 22.63
C GLY B 227 -3.94 0.99 22.34
N SER B 228 -3.92 1.42 21.07
CA SER B 228 -4.34 2.78 20.69
C SER B 228 -5.85 2.93 20.65
N PHE B 229 -6.61 1.84 20.69
CA PHE B 229 -8.04 1.90 20.43
C PHE B 229 -8.87 1.30 21.56
N GLY B 230 -8.33 0.31 22.26
CA GLY B 230 -9.12 -0.36 23.29
C GLY B 230 -8.31 -1.43 23.97
N ILE B 231 -8.98 -2.12 24.87
CA ILE B 231 -8.39 -3.21 25.65
C ILE B 231 -8.90 -4.52 25.06
N VAL B 232 -8.04 -5.25 24.37
CA VAL B 232 -8.44 -6.55 23.82
C VAL B 232 -8.53 -7.55 24.97
N ILE B 233 -9.68 -8.20 25.07
CA ILE B 233 -9.94 -9.25 26.06
C ILE B 233 -9.65 -10.63 25.49
N ALA B 234 -9.89 -10.83 24.20
CA ALA B 234 -9.78 -12.15 23.59
C ALA B 234 -9.69 -12.00 22.09
N TRP B 235 -8.88 -12.85 21.47
CA TRP B 235 -8.80 -12.97 20.01
C TRP B 235 -9.46 -14.27 19.59
N LYS B 236 -10.22 -14.25 18.50
CA LYS B 236 -10.66 -15.47 17.86
C LYS B 236 -9.80 -15.68 16.62
N VAL B 237 -9.14 -16.83 16.53
CA VAL B 237 -8.16 -17.05 15.46
C VAL B 237 -8.62 -18.19 14.57
N ARG B 238 -8.21 -18.10 13.32
CA ARG B 238 -8.30 -19.21 12.39
C ARG B 238 -7.13 -20.15 12.65
N LEU B 239 -7.43 -21.43 12.86
CA LEU B 239 -6.38 -22.43 12.98
C LEU B 239 -6.01 -22.94 11.59
N ILE B 240 -4.72 -23.19 11.39
CA ILE B 240 -4.18 -23.54 10.07
C ILE B 240 -3.87 -25.03 10.05
N ASP B 241 -4.01 -25.62 8.87
CA ASP B 241 -3.58 -27.00 8.63
C ASP B 241 -2.06 -27.02 8.51
N VAL B 242 -1.41 -27.80 9.36
CA VAL B 242 0.03 -27.96 9.25
C VAL B 242 0.31 -29.43 8.97
N PRO B 243 1.42 -29.77 8.33
CA PRO B 243 1.77 -31.18 8.16
C PRO B 243 2.07 -31.82 9.51
N SER B 244 1.81 -33.12 9.60
CA SER B 244 2.20 -33.86 10.80
C SER B 244 3.71 -33.90 10.99
N THR B 245 4.50 -33.71 9.94
CA THR B 245 5.95 -33.63 10.06
C THR B 245 6.44 -32.32 9.45
N VAL B 246 7.21 -31.56 10.23
CA VAL B 246 7.99 -30.46 9.68
C VAL B 246 9.45 -30.82 9.87
N THR B 247 10.33 -30.11 9.15
CA THR B 247 11.76 -30.42 9.15
C THR B 247 12.52 -29.15 9.50
N VAL B 248 13.49 -29.27 10.40
CA VAL B 248 14.29 -28.10 10.78
C VAL B 248 15.75 -28.42 10.53
N PHE B 249 16.54 -27.37 10.37
CA PHE B 249 17.99 -27.54 10.39
C PHE B 249 18.63 -26.25 10.84
N GLU B 250 19.82 -26.37 11.40
CA GLU B 250 20.64 -25.21 11.75
C GLU B 250 22.08 -25.53 11.39
N THR B 251 22.80 -24.54 10.88
CA THR B 251 24.20 -24.75 10.56
C THR B 251 24.94 -23.44 10.84
N VAL B 252 26.17 -23.56 11.34
CA VAL B 252 26.96 -22.40 11.74
C VAL B 252 28.23 -22.37 10.90
N ARG B 253 28.45 -21.26 10.20
CA ARG B 253 29.60 -21.11 9.34
C ARG B 253 30.42 -19.89 9.76
N MET B 254 31.67 -19.87 9.31
CA MET B 254 32.50 -18.68 9.46
C MET B 254 32.22 -17.70 8.33
N TRP B 255 32.15 -16.42 8.66
CA TRP B 255 31.91 -15.41 7.63
C TRP B 255 33.14 -15.22 6.75
N GLU B 256 34.33 -15.36 7.31
CA GLU B 256 35.57 -15.31 6.52
C GLU B 256 35.74 -16.66 5.82
N ASP B 257 34.87 -16.89 4.86
CA ASP B 257 34.75 -18.17 4.17
C ASP B 257 34.05 -17.86 2.86
N ASN B 258 34.70 -18.13 1.74
CA ASN B 258 34.16 -17.71 0.46
C ASN B 258 32.84 -18.40 0.15
N VAL B 259 32.69 -19.66 0.59
CA VAL B 259 31.43 -20.35 0.40
C VAL B 259 30.31 -19.64 1.17
N THR B 260 30.57 -19.27 2.42
CA THR B 260 29.58 -18.54 3.21
C THR B 260 29.20 -17.23 2.53
N LYS B 261 30.19 -16.48 2.04
CA LYS B 261 29.89 -15.17 1.43
C LYS B 261 29.06 -15.33 0.16
N LYS B 262 29.34 -16.38 -0.62
CA LYS B 262 28.54 -16.64 -1.81
C LYS B 262 27.10 -17.04 -1.47
N PHE B 263 26.95 -17.93 -0.47
CA PHE B 263 25.61 -18.30 -0.03
C PHE B 263 24.82 -17.09 0.41
N VAL B 264 25.44 -16.19 1.18
CA VAL B 264 24.72 -15.03 1.69
C VAL B 264 24.33 -14.12 0.52
N HIS B 265 25.25 -13.91 -0.42
CA HIS B 265 24.93 -13.17 -1.65
C HIS B 265 23.68 -13.72 -2.31
N ARG B 266 23.59 -15.05 -2.40
CA ARG B 266 22.44 -15.68 -3.05
C ARG B 266 21.21 -15.66 -2.15
N TYR B 267 21.41 -15.84 -0.84
CA TYR B 267 20.29 -15.71 0.11
C TYR B 267 19.56 -14.39 -0.05
N GLN B 268 20.29 -13.29 -0.18
CA GLN B 268 19.65 -11.99 -0.32
C GLN B 268 18.66 -11.97 -1.49
N ARG B 269 18.93 -12.76 -2.52
CA ARG B 269 18.13 -12.74 -3.73
C ARG B 269 17.14 -13.89 -3.84
N ARG B 270 17.32 -14.95 -3.04
CA ARG B 270 16.47 -16.12 -3.10
C ARG B 270 15.57 -16.31 -1.89
N ALA B 271 15.98 -15.83 -0.70
CA ALA B 271 15.28 -16.22 0.53
C ALA B 271 13.80 -15.83 0.51
N SER B 272 13.46 -14.72 -0.13
CA SER B 272 12.07 -14.31 -0.23
C SER B 272 11.36 -14.91 -1.45
N ASN B 273 12.08 -15.62 -2.32
CA ASN B 273 11.53 -16.14 -3.57
C ASN B 273 11.42 -17.65 -3.64
N ILE B 274 12.11 -18.38 -2.75
CA ILE B 274 12.06 -19.83 -2.74
C ILE B 274 10.67 -20.30 -2.32
N ASP B 275 10.40 -21.58 -2.55
CA ASP B 275 9.23 -22.31 -2.07
C ASP B 275 8.72 -21.73 -0.76
N LYS B 276 7.46 -21.29 -0.73
CA LYS B 276 6.94 -20.62 0.47
C LYS B 276 6.87 -21.54 1.69
N ASP B 277 7.05 -22.86 1.51
CA ASP B 277 7.13 -23.78 2.64
C ASP B 277 8.47 -23.71 3.38
N LEU B 278 9.49 -23.04 2.84
CA LEU B 278 10.82 -23.02 3.44
C LEU B 278 11.14 -21.61 3.90
N THR B 279 11.39 -21.44 5.21
CA THR B 279 11.83 -20.17 5.76
C THR B 279 13.19 -20.35 6.42
N ILE B 280 14.15 -19.52 6.02
CA ILE B 280 15.53 -19.58 6.50
C ILE B 280 15.87 -18.22 7.10
N PHE B 281 16.27 -18.20 8.38
CA PHE B 281 16.80 -17.02 9.04
C PHE B 281 18.32 -17.00 8.97
N LEU B 282 18.87 -15.79 8.96
CA LEU B 282 20.31 -15.57 9.08
C LEU B 282 20.61 -14.71 10.30
N GLY B 283 21.64 -15.10 11.04
CA GLY B 283 22.15 -14.28 12.13
C GLY B 283 23.65 -14.17 12.07
N PHE B 284 24.18 -13.03 12.56
CA PHE B 284 25.61 -12.76 12.58
C PHE B 284 26.01 -12.23 13.95
N ARG B 285 27.13 -12.77 14.47
CA ARG B 285 27.72 -12.26 15.70
C ARG B 285 29.20 -12.62 15.67
N THR B 286 29.97 -12.02 16.58
CA THR B 286 31.34 -12.46 16.73
C THR B 286 31.41 -13.57 17.77
N THR B 287 32.49 -14.34 17.70
CA THR B 287 32.72 -15.41 18.65
C THR B 287 34.21 -15.56 18.88
N ASN B 288 34.56 -16.15 20.01
CA ASN B 288 35.93 -16.40 20.40
C ASN B 288 36.36 -17.78 19.89
N THR B 289 37.33 -17.82 18.97
CA THR B 289 37.71 -19.07 18.34
C THR B 289 39.23 -19.24 18.32
N SER B 290 39.66 -20.47 18.10
CA SER B 290 41.08 -20.80 17.97
C SER B 290 41.40 -20.98 16.49
N ASP B 291 42.51 -20.38 16.04
CA ASP B 291 42.92 -20.51 14.65
C ASP B 291 43.69 -21.83 14.48
N GLU B 292 44.27 -22.05 13.30
CA GLU B 292 44.92 -23.33 13.02
C GLU B 292 46.15 -23.57 13.87
N GLN B 293 46.76 -22.52 14.41
CA GLN B 293 47.94 -22.66 15.26
C GLN B 293 47.61 -22.63 16.75
N GLY B 294 46.33 -22.50 17.10
CA GLY B 294 45.92 -22.45 18.49
C GLY B 294 45.83 -21.06 19.10
N ASN B 295 46.09 -20.01 18.33
CA ASN B 295 45.99 -18.65 18.85
C ASN B 295 44.52 -18.23 18.91
N SER B 296 44.10 -17.70 20.05
CA SER B 296 42.78 -17.14 20.18
C SER B 296 42.52 -16.12 19.08
N LYS B 297 41.39 -16.26 18.39
CA LYS B 297 40.99 -15.33 17.35
C LYS B 297 39.53 -14.96 17.52
N ILE B 298 39.20 -13.73 17.14
CA ILE B 298 37.83 -13.25 17.11
C ILE B 298 37.34 -13.27 15.68
N GLN B 299 36.21 -13.93 15.43
CA GLN B 299 35.70 -13.96 14.07
C GLN B 299 34.18 -13.88 14.05
N ILE B 300 33.67 -13.33 12.95
CA ILE B 300 32.23 -13.32 12.71
C ILE B 300 31.80 -14.71 12.28
N ILE B 301 30.74 -15.21 12.93
CA ILE B 301 30.11 -16.45 12.49
C ILE B 301 28.75 -16.11 11.92
N THR B 302 28.27 -17.01 11.07
CA THR B 302 27.01 -16.90 10.35
C THR B 302 26.12 -18.06 10.79
N ILE B 303 25.00 -17.75 11.41
CA ILE B 303 24.07 -18.74 11.92
C ILE B 303 22.91 -18.85 10.96
N ILE B 304 22.66 -20.05 10.46
CA ILE B 304 21.63 -20.31 9.47
C ILE B 304 20.66 -21.29 10.11
N SER B 305 19.40 -20.88 10.29
CA SER B 305 18.39 -21.76 10.87
C SER B 305 17.15 -21.74 9.99
N ALA B 306 16.41 -22.85 9.99
CA ALA B 306 15.34 -23.00 9.02
C ALA B 306 14.24 -23.91 9.52
N THR B 307 13.03 -23.64 9.07
CA THR B 307 11.93 -24.58 9.18
C THR B 307 11.37 -24.84 7.80
N PHE B 308 11.06 -26.11 7.53
CA PHE B 308 10.44 -26.53 6.30
C PHE B 308 9.13 -27.23 6.64
N HIS B 309 8.05 -26.79 6.01
CA HIS B 309 6.72 -27.34 6.26
C HIS B 309 6.49 -28.54 5.34
N GLY B 310 7.20 -29.62 5.67
CA GLY B 310 7.19 -30.82 4.87
C GLY B 310 8.25 -31.79 5.36
N SER B 311 8.39 -32.88 4.63
CA SER B 311 9.28 -33.94 5.07
C SER B 311 10.72 -33.70 4.63
N ARG B 312 11.62 -34.46 5.26
CA ARG B 312 13.04 -34.39 4.93
C ARG B 312 13.30 -34.87 3.51
N ASP B 313 12.60 -35.91 3.08
CA ASP B 313 12.74 -36.39 1.70
C ASP B 313 12.35 -35.33 0.68
N ARG B 314 11.49 -34.39 1.06
CA ARG B 314 11.19 -33.29 0.16
C ARG B 314 12.16 -32.14 0.32
N LEU B 315 12.69 -31.92 1.52
CA LEU B 315 13.58 -30.78 1.73
C LEU B 315 14.93 -31.02 1.07
N LEU B 316 15.39 -32.28 1.03
CA LEU B 316 16.74 -32.55 0.55
C LEU B 316 16.92 -32.12 -0.90
N PRO B 317 16.09 -32.58 -1.86
CA PRO B 317 16.23 -32.06 -3.24
C PRO B 317 16.04 -30.56 -3.36
N LEU B 318 15.14 -29.98 -2.55
CA LEU B 318 14.94 -28.54 -2.60
C LEU B 318 16.21 -27.79 -2.19
N MET B 319 16.87 -28.25 -1.12
CA MET B 319 18.15 -27.64 -0.73
C MET B 319 19.24 -27.90 -1.77
N GLN B 320 19.26 -29.10 -2.36
CA GLN B 320 20.28 -29.38 -3.38
C GLN B 320 20.04 -28.59 -4.66
N GLU B 321 18.84 -28.04 -4.85
CA GLU B 321 18.55 -27.24 -6.04
C GLU B 321 18.65 -25.74 -5.79
N GLU B 322 18.56 -25.31 -4.53
CA GLU B 322 18.55 -23.90 -4.21
C GLU B 322 19.81 -23.44 -3.52
N PHE B 323 20.27 -24.16 -2.50
CA PHE B 323 21.48 -23.82 -1.76
C PHE B 323 22.37 -25.04 -1.62
N PRO B 324 22.84 -25.63 -2.73
CA PRO B 324 23.73 -26.79 -2.61
C PRO B 324 25.06 -26.47 -1.95
N GLU B 325 25.51 -25.21 -1.99
CA GLU B 325 26.77 -24.80 -1.39
C GLU B 325 26.83 -25.00 0.13
N LEU B 326 25.68 -25.20 0.81
CA LEU B 326 25.71 -25.39 2.26
C LEU B 326 26.39 -26.70 2.66
N GLY B 327 26.56 -27.62 1.72
CA GLY B 327 27.33 -28.82 2.01
C GLY B 327 26.71 -29.74 3.04
N LEU B 328 25.39 -29.74 3.15
CA LEU B 328 24.73 -30.52 4.16
C LEU B 328 24.33 -31.90 3.64
N GLY B 329 24.11 -32.82 4.58
CA GLY B 329 23.62 -34.14 4.28
C GLY B 329 22.20 -34.28 4.79
N LYS B 330 21.54 -35.36 4.34
CA LYS B 330 20.17 -35.60 4.79
C LYS B 330 20.09 -35.69 6.31
N GLU B 331 21.13 -36.26 6.94
CA GLU B 331 21.15 -36.41 8.39
C GLU B 331 21.21 -35.08 9.13
N ASP B 332 21.46 -33.96 8.43
CA ASP B 332 21.44 -32.65 9.08
C ASP B 332 20.05 -32.06 9.17
N PHE B 333 19.07 -32.67 8.52
CA PHE B 333 17.70 -32.18 8.52
C PHE B 333 16.90 -33.02 9.53
N LYS B 334 16.28 -32.36 10.50
CA LYS B 334 15.67 -33.07 11.63
C LYS B 334 14.14 -32.96 11.56
N GLU B 335 13.48 -34.11 11.54
CA GLU B 335 12.03 -34.18 11.42
C GLU B 335 11.37 -34.25 12.78
N MET B 336 10.26 -33.53 12.94
CA MET B 336 9.54 -33.51 14.21
C MET B 336 8.14 -32.95 13.94
N SER B 337 7.30 -32.97 14.97
CA SER B 337 5.98 -32.38 14.81
C SER B 337 6.09 -30.86 14.81
N TRP B 338 5.03 -30.22 14.32
CA TRP B 338 5.01 -28.75 14.31
C TRP B 338 5.22 -28.19 15.72
N VAL B 339 4.54 -28.76 16.72
CA VAL B 339 4.68 -28.19 18.06
C VAL B 339 6.06 -28.51 18.63
N GLN B 340 6.66 -29.64 18.27
CA GLN B 340 8.03 -29.90 18.68
C GLN B 340 9.00 -28.90 18.08
N SER B 341 8.73 -28.41 16.85
CA SER B 341 9.62 -27.43 16.25
C SER B 341 9.57 -26.09 17.00
N ILE B 342 8.40 -25.76 17.58
CA ILE B 342 8.29 -24.58 18.45
C ILE B 342 9.16 -24.76 19.70
N VAL B 343 9.01 -25.89 20.38
CA VAL B 343 9.86 -26.22 21.53
C VAL B 343 11.34 -26.12 21.14
N HIS B 344 11.68 -26.70 19.99
CA HIS B 344 13.06 -26.71 19.51
C HIS B 344 13.64 -25.31 19.42
N TYR B 345 12.92 -24.38 18.80
CA TYR B 345 13.47 -23.05 18.61
C TYR B 345 13.23 -22.12 19.81
N ASN B 346 12.71 -22.63 20.92
CA ASN B 346 12.70 -21.85 22.14
C ASN B 346 13.81 -22.29 23.10
N ASN B 347 14.77 -23.08 22.63
CA ASN B 347 15.94 -23.52 23.39
C ASN B 347 15.60 -24.38 24.58
N TYR B 348 14.35 -24.82 24.71
CA TYR B 348 14.01 -25.73 25.79
C TYR B 348 14.81 -27.01 25.64
N LYS B 349 15.28 -27.55 26.76
CA LYS B 349 16.14 -28.73 26.75
C LYS B 349 15.58 -29.81 25.84
N ASP B 350 16.47 -30.53 25.17
CA ASP B 350 16.06 -31.50 24.16
C ASP B 350 15.14 -32.59 24.72
N ASP B 351 15.25 -32.88 26.02
CA ASP B 351 14.39 -33.87 26.67
C ASP B 351 13.21 -33.20 27.38
N ASP B 352 12.63 -32.14 26.82
CA ASP B 352 11.57 -31.60 27.65
C ASP B 352 10.20 -32.05 27.15
N PRO B 353 9.24 -32.30 28.05
CA PRO B 353 7.87 -32.60 27.62
C PRO B 353 7.19 -31.34 27.08
N LEU B 354 6.06 -31.53 26.40
CA LEU B 354 5.37 -30.39 25.80
C LEU B 354 4.89 -29.40 26.86
N GLU B 355 4.60 -29.86 28.08
CA GLU B 355 4.13 -29.00 29.15
C GLU B 355 5.13 -27.89 29.50
N VAL B 356 6.41 -28.03 29.08
CA VAL B 356 7.35 -26.92 29.25
C VAL B 356 6.81 -25.63 28.63
N LEU B 357 5.95 -25.73 27.58
CA LEU B 357 5.27 -24.57 27.00
C LEU B 357 4.29 -23.93 27.97
N LEU B 358 4.00 -24.59 29.11
CA LEU B 358 3.12 -24.06 30.14
C LEU B 358 3.89 -23.53 31.34
N ASN B 359 5.17 -23.83 31.44
CA ASN B 359 5.93 -23.47 32.63
C ASN B 359 6.40 -22.02 32.50
N LYS B 360 6.02 -21.19 33.47
CA LYS B 360 6.32 -19.76 33.44
C LYS B 360 7.71 -19.41 33.98
N THR B 361 8.45 -20.38 34.51
CA THR B 361 9.75 -20.10 35.13
C THR B 361 10.89 -20.12 34.11
N GLU B 365 18.56 -16.29 32.12
CA GLU B 365 18.41 -14.86 32.35
C GLU B 365 18.82 -14.03 31.12
N PRO B 366 17.85 -13.37 30.48
CA PRO B 366 18.18 -12.49 29.36
C PRO B 366 19.01 -11.30 29.81
N ASN B 367 19.80 -10.78 28.89
CA ASN B 367 20.66 -9.60 28.89
C ASN B 367 19.88 -8.37 28.40
N PRO B 368 20.06 -7.22 29.04
CA PRO B 368 19.48 -5.98 28.49
C PRO B 368 19.93 -5.79 27.05
N PHE B 369 19.06 -5.16 26.26
CA PHE B 369 19.35 -5.01 24.84
C PHE B 369 18.59 -3.83 24.27
N LYS B 370 19.06 -3.39 23.10
CA LYS B 370 18.43 -2.35 22.31
C LYS B 370 18.48 -2.80 20.85
N LEU B 371 17.32 -2.89 20.21
CA LEU B 371 17.27 -3.33 18.82
C LEU B 371 16.58 -2.28 17.94
N LYS B 372 16.92 -2.29 16.67
CA LYS B 372 16.30 -1.48 15.62
C LYS B 372 16.18 -2.37 14.39
N SER B 373 15.35 -1.98 13.43
CA SER B 373 15.24 -2.82 12.24
C SER B 373 14.93 -1.99 11.01
N ASP B 374 15.10 -2.61 9.85
CA ASP B 374 14.93 -1.99 8.53
C ASP B 374 14.28 -2.99 7.60
N TYR B 375 13.66 -2.49 6.53
CA TYR B 375 13.24 -3.33 5.41
C TYR B 375 14.16 -3.06 4.23
N VAL B 376 14.61 -4.14 3.59
CA VAL B 376 15.52 -4.10 2.45
C VAL B 376 14.77 -4.61 1.22
N LYS B 377 14.80 -3.83 0.13
CA LYS B 377 14.09 -4.19 -1.09
C LYS B 377 15.03 -4.44 -2.25
N LYS B 378 16.30 -4.07 -2.14
CA LYS B 378 17.29 -4.32 -3.16
C LYS B 378 18.51 -4.86 -2.41
N PRO B 379 19.10 -5.96 -2.86
CA PRO B 379 20.22 -6.56 -2.11
C PRO B 379 21.27 -5.53 -1.72
N ILE B 380 21.72 -5.62 -0.48
CA ILE B 380 22.88 -4.84 -0.03
C ILE B 380 24.08 -5.21 -0.89
N PRO B 381 24.84 -4.25 -1.43
CA PRO B 381 26.04 -4.59 -2.20
C PRO B 381 27.03 -5.36 -1.32
N ASP B 382 27.79 -6.27 -1.96
CA ASP B 382 28.69 -7.15 -1.21
C ASP B 382 29.65 -6.35 -0.34
N ASP B 383 30.28 -5.32 -0.91
CA ASP B 383 31.26 -4.58 -0.13
C ASP B 383 30.60 -3.77 0.99
N VAL B 384 29.34 -3.35 0.80
CA VAL B 384 28.62 -2.66 1.88
C VAL B 384 28.23 -3.65 2.98
N LEU B 385 27.89 -4.88 2.62
CA LEU B 385 27.58 -5.87 3.64
C LEU B 385 28.82 -6.23 4.46
N GLU B 386 29.98 -6.34 3.81
CA GLU B 386 31.22 -6.55 4.55
C GLU B 386 31.44 -5.43 5.56
N LYS B 387 31.25 -4.17 5.13
CA LYS B 387 31.48 -3.05 6.03
C LYS B 387 30.51 -3.07 7.20
N LEU B 388 29.23 -3.33 6.92
CA LEU B 388 28.23 -3.47 7.97
C LEU B 388 28.65 -4.53 9.01
N LEU B 389 28.92 -5.74 8.56
CA LEU B 389 29.19 -6.82 9.52
C LEU B 389 30.50 -6.60 10.28
N ALA B 390 31.50 -5.94 9.68
CA ALA B 390 32.74 -5.70 10.40
C ALA B 390 32.52 -4.82 11.63
N ARG B 391 31.46 -4.01 11.65
CA ARG B 391 31.14 -3.22 12.84
C ARG B 391 30.87 -4.10 14.07
N LEU B 392 30.57 -5.38 13.88
CA LEU B 392 30.44 -6.30 15.01
C LEU B 392 31.73 -6.52 15.76
N TYR B 393 32.88 -6.23 15.14
CA TYR B 393 34.14 -6.30 15.88
C TYR B 393 34.31 -5.16 16.88
N GLU B 394 33.51 -4.11 16.79
CA GLU B 394 33.76 -2.93 17.60
C GLU B 394 33.33 -3.10 19.06
N GLU B 395 32.48 -4.06 19.37
CA GLU B 395 32.03 -4.22 20.75
C GLU B 395 32.43 -5.61 21.25
N ASP B 396 32.04 -5.90 22.49
CA ASP B 396 32.45 -7.13 23.14
C ASP B 396 31.97 -8.36 22.36
N ILE B 397 32.69 -9.46 22.52
CA ILE B 397 32.48 -10.66 21.71
C ILE B 397 31.09 -11.21 21.94
N GLY B 398 30.33 -11.38 20.87
CA GLY B 398 29.07 -12.08 20.94
C GLY B 398 27.90 -11.26 21.46
N TYR B 399 28.10 -9.98 21.78
CA TYR B 399 27.01 -9.20 22.36
C TYR B 399 26.17 -8.44 21.33
N ASP B 400 26.67 -8.22 20.12
CA ASP B 400 25.90 -7.51 19.11
C ASP B 400 25.52 -8.45 17.97
N PHE B 401 24.41 -8.13 17.31
CA PHE B 401 23.82 -9.05 16.36
C PHE B 401 23.34 -8.31 15.12
N VAL B 402 23.39 -9.01 13.98
CA VAL B 402 22.66 -8.62 12.77
C VAL B 402 21.90 -9.86 12.30
N GLU B 403 20.60 -9.72 12.09
CA GLU B 403 19.77 -10.86 11.70
C GLU B 403 18.87 -10.49 10.54
N PHE B 404 18.61 -11.50 9.68
CA PHE B 404 17.77 -11.39 8.49
C PHE B 404 16.54 -12.27 8.66
N PHE B 405 15.36 -11.68 8.51
CA PHE B 405 14.11 -12.43 8.55
C PHE B 405 13.41 -12.27 7.19
N PRO B 406 13.34 -13.32 6.38
CA PRO B 406 12.92 -13.16 4.99
C PRO B 406 11.41 -12.93 4.86
N TYR B 407 11.05 -12.13 3.87
CA TYR B 407 9.63 -11.96 3.57
C TYR B 407 9.27 -12.76 2.32
N GLY B 408 8.36 -12.27 1.50
CA GLY B 408 7.90 -13.05 0.37
C GLY B 408 6.92 -14.13 0.77
N GLY B 409 6.70 -15.06 -0.17
CA GLY B 409 5.65 -16.05 0.01
C GLY B 409 4.30 -15.38 0.25
N LYS B 410 3.59 -15.88 1.27
CA LYS B 410 2.27 -15.34 1.60
C LYS B 410 2.32 -13.85 1.92
N LEU B 411 3.42 -13.37 2.50
CA LEU B 411 3.53 -11.94 2.76
C LEU B 411 3.59 -11.10 1.49
N SER B 412 3.90 -11.71 0.34
CA SER B 412 3.90 -11.01 -0.94
C SER B 412 2.57 -11.10 -1.68
N GLU B 413 1.64 -11.91 -1.20
CA GLU B 413 0.36 -12.08 -1.85
C GLU B 413 -0.74 -11.24 -1.21
N ILE B 414 -0.46 -10.56 -0.11
CA ILE B 414 -1.44 -9.79 0.64
C ILE B 414 -1.13 -8.31 0.40
N SER B 415 -2.17 -7.53 0.14
CA SER B 415 -1.92 -6.14 -0.23
C SER B 415 -1.46 -5.31 0.98
N GLU B 416 -0.96 -4.12 0.69
CA GLU B 416 -0.38 -3.22 1.69
C GLU B 416 -1.42 -2.73 2.70
N SER B 417 -2.71 -2.77 2.36
CA SER B 417 -3.76 -2.20 3.21
C SER B 417 -4.81 -3.23 3.64
N GLU B 418 -4.58 -4.53 3.39
CA GLU B 418 -5.51 -5.54 3.85
C GLU B 418 -5.70 -5.48 5.37
N ILE B 419 -4.62 -5.37 6.12
CA ILE B 419 -4.65 -5.01 7.53
C ILE B 419 -3.65 -3.86 7.69
N PRO B 420 -3.56 -3.19 8.85
CA PRO B 420 -2.65 -2.04 8.96
C PRO B 420 -1.18 -2.38 8.76
N PHE B 421 -0.79 -3.64 8.91
CA PHE B 421 0.59 -4.04 8.63
C PHE B 421 0.87 -3.90 7.14
N PRO B 422 1.84 -3.07 6.73
CA PRO B 422 1.93 -2.68 5.31
C PRO B 422 3.08 -3.34 4.56
N HIS B 423 3.94 -4.08 5.26
CA HIS B 423 5.24 -4.44 4.71
C HIS B 423 5.12 -5.74 3.94
N ARG B 424 4.76 -5.63 2.64
CA ARG B 424 4.39 -6.81 1.89
C ARG B 424 5.30 -7.03 0.67
N ALA B 425 4.71 -7.20 -0.52
CA ALA B 425 5.48 -7.46 -1.73
C ALA B 425 6.56 -6.42 -1.95
N GLY B 426 7.71 -6.87 -2.47
CA GLY B 426 8.86 -6.02 -2.70
C GLY B 426 9.92 -6.10 -1.63
N ASN B 427 9.56 -6.47 -0.39
CA ASN B 427 10.54 -6.60 0.68
C ASN B 427 11.25 -7.95 0.58
N LEU B 428 12.58 -7.92 0.52
CA LEU B 428 13.35 -9.16 0.57
C LEU B 428 13.43 -9.71 2.00
N TYR B 429 13.67 -8.83 2.96
CA TYR B 429 13.77 -9.29 4.35
C TYR B 429 13.67 -8.09 5.28
N ASN B 430 13.35 -8.39 6.53
CA ASN B 430 13.51 -7.44 7.61
C ASN B 430 14.90 -7.66 8.17
N LEU B 431 15.67 -6.56 8.27
CA LEU B 431 17.03 -6.59 8.79
C LEU B 431 17.02 -5.98 10.19
N ARG B 432 17.47 -6.74 11.19
CA ARG B 432 17.41 -6.31 12.57
C ARG B 432 18.82 -6.16 13.15
N TYR B 433 19.05 -5.02 13.79
CA TYR B 433 20.31 -4.66 14.45
C TYR B 433 20.09 -4.69 15.96
N MET B 434 21.06 -5.20 16.71
CA MET B 434 20.84 -5.30 18.14
C MET B 434 22.14 -5.22 18.94
N ALA B 435 22.14 -4.37 19.96
CA ALA B 435 23.21 -4.33 20.95
C ALA B 435 22.68 -4.86 22.26
N SER B 436 23.46 -5.70 22.93
CA SER B 436 23.13 -6.21 24.25
C SER B 436 24.35 -6.06 25.15
N TRP B 437 24.10 -6.17 26.46
CA TRP B 437 25.15 -5.97 27.46
C TRP B 437 24.69 -6.61 28.76
N LYS B 438 25.55 -6.53 29.77
CA LYS B 438 25.30 -7.15 31.07
C LYS B 438 24.56 -6.18 31.98
N GLN B 439 23.68 -6.75 32.82
CA GLN B 439 22.80 -5.95 33.69
C GLN B 439 23.55 -4.97 34.61
N GLY B 440 24.84 -5.18 34.86
CA GLY B 440 25.52 -4.25 35.76
C GLY B 440 26.26 -3.07 35.14
N GLU B 441 26.35 -2.99 33.81
CA GLU B 441 27.16 -1.95 33.16
C GLU B 441 26.83 -0.56 33.67
N ASN B 442 27.85 0.32 33.64
CA ASN B 442 27.58 1.70 34.01
C ASN B 442 26.95 2.44 32.83
N THR B 443 26.54 3.68 33.10
CA THR B 443 25.82 4.45 32.09
C THR B 443 26.71 4.74 30.88
N THR B 444 28.00 4.99 31.11
CA THR B 444 28.92 5.25 30.01
C THR B 444 28.93 4.09 29.02
N ARG B 445 29.09 2.87 29.52
CA ARG B 445 29.17 1.72 28.64
C ARG B 445 27.84 1.47 27.94
N ILE B 446 26.72 1.66 28.64
CA ILE B 446 25.41 1.50 28.01
C ILE B 446 25.22 2.51 26.88
N ASN B 447 25.61 3.77 27.14
CA ASN B 447 25.49 4.78 26.09
C ASN B 447 26.34 4.43 24.88
N ASN B 448 27.51 3.81 25.09
CA ASN B 448 28.31 3.34 23.97
C ASN B 448 27.54 2.31 23.13
N HIS B 449 26.79 1.40 23.77
CA HIS B 449 26.08 0.37 23.03
C HIS B 449 24.91 0.96 22.27
N LEU B 450 24.15 1.84 22.92
CA LEU B 450 23.09 2.58 22.23
C LEU B 450 23.66 3.33 21.06
N SER B 451 24.77 4.03 21.26
CA SER B 451 25.39 4.77 20.17
C SER B 451 25.80 3.82 19.05
N TRP B 452 26.27 2.63 19.41
CA TRP B 452 26.72 1.69 18.39
C TRP B 452 25.57 1.29 17.48
N VAL B 453 24.47 0.82 18.07
CA VAL B 453 23.39 0.32 17.23
C VAL B 453 22.72 1.45 16.46
N ARG B 454 22.72 2.67 17.01
CA ARG B 454 22.13 3.79 16.31
C ARG B 454 23.01 4.23 15.14
N SER B 455 24.33 4.20 15.33
CA SER B 455 25.25 4.51 14.24
C SER B 455 25.16 3.47 13.12
N VAL B 456 25.13 2.18 13.48
CA VAL B 456 24.94 1.12 12.49
C VAL B 456 23.70 1.41 11.66
N TYR B 457 22.59 1.69 12.33
CA TYR B 457 21.35 2.02 11.65
C TYR B 457 21.51 3.23 10.73
N ASP B 458 22.14 4.31 11.22
CA ASP B 458 22.30 5.47 10.36
C ASP B 458 23.17 5.16 9.15
N SER B 459 24.18 4.28 9.33
CA SER B 459 25.06 3.94 8.21
C SER B 459 24.32 3.22 7.10
N MET B 460 23.20 2.56 7.41
CA MET B 460 22.48 1.78 6.42
C MET B 460 21.42 2.58 5.67
N THR B 461 21.24 3.86 6.02
CA THR B 461 20.23 4.71 5.38
C THR B 461 20.17 4.59 3.86
N PRO B 462 21.28 4.68 3.11
CA PRO B 462 21.15 4.65 1.63
C PRO B 462 20.74 3.31 1.05
N TYR B 463 20.77 2.21 1.81
CA TYR B 463 20.57 0.88 1.26
C TYR B 463 19.26 0.21 1.66
N VAL B 464 18.44 0.87 2.48
CA VAL B 464 17.20 0.29 3.01
C VAL B 464 16.03 1.12 2.50
N SER B 465 14.80 0.69 2.81
CA SER B 465 13.61 1.40 2.32
C SER B 465 13.64 2.86 2.76
N LYS B 466 12.98 3.71 1.98
CA LYS B 466 12.95 5.14 2.24
C LYS B 466 11.58 5.70 1.89
N ASN B 467 11.21 6.77 2.58
CA ASN B 467 10.05 7.58 2.25
C ASN B 467 8.77 6.76 2.13
N PRO B 468 8.33 6.08 3.21
CA PRO B 468 8.96 6.07 4.54
C PRO B 468 10.05 5.00 4.72
N ARG B 469 10.95 5.22 5.69
CA ARG B 469 11.86 4.16 6.14
C ARG B 469 11.07 3.17 7.00
N GLY B 470 10.66 2.04 6.40
CA GLY B 470 9.81 1.10 7.10
C GLY B 470 10.41 0.63 8.41
N ALA B 471 9.53 0.40 9.39
CA ALA B 471 9.88 -0.19 10.68
C ALA B 471 8.78 -1.16 11.06
N TYR B 472 9.13 -2.12 11.91
CA TYR B 472 8.21 -3.18 12.29
C TYR B 472 7.68 -2.89 13.69
N LEU B 473 6.36 -2.69 13.81
CA LEU B 473 5.76 -2.33 15.10
C LEU B 473 6.17 -3.30 16.21
N ASN B 474 6.19 -4.60 15.93
CA ASN B 474 6.55 -5.53 17.00
C ASN B 474 8.05 -5.55 17.27
N PHE B 475 8.85 -4.89 16.43
CA PHE B 475 10.20 -4.46 16.80
C PHE B 475 10.19 -2.97 17.16
N ARG B 476 9.43 -2.64 18.22
CA ARG B 476 9.15 -1.24 18.54
C ARG B 476 10.43 -0.46 18.78
N ASP B 477 10.50 0.74 18.20
CA ASP B 477 11.71 1.57 18.26
C ASP B 477 11.27 3.01 18.45
N LEU B 478 11.45 3.56 19.65
CA LEU B 478 11.07 4.95 19.86
C LEU B 478 11.94 5.92 19.07
N ASP B 479 13.15 5.49 18.66
CA ASP B 479 14.08 6.37 17.96
C ASP B 479 13.47 6.93 16.68
N ILE B 480 12.57 6.18 16.03
CA ILE B 480 12.05 6.61 14.73
C ILE B 480 11.04 7.74 14.85
N GLY B 481 10.69 8.14 16.06
CA GLY B 481 9.72 9.20 16.27
C GLY B 481 8.77 8.85 17.39
N VAL B 482 8.35 9.87 18.14
CA VAL B 482 7.33 9.74 19.18
C VAL B 482 6.35 10.91 19.04
N ASN B 483 5.20 10.78 19.71
CA ASN B 483 4.23 11.86 19.70
C ASN B 483 4.78 13.07 20.45
N PRO B 484 4.52 14.28 19.96
CA PRO B 484 5.04 15.49 20.63
C PRO B 484 4.27 15.76 21.90
N ASN B 485 4.97 16.41 22.84
CA ASN B 485 4.45 16.88 24.10
C ASN B 485 3.05 17.49 24.00
N THR B 490 1.88 23.08 16.52
CA THR B 490 1.27 24.40 16.38
C THR B 490 -0.10 24.33 15.71
N SER B 491 -0.76 23.17 15.79
CA SER B 491 -2.10 22.95 15.26
C SER B 491 -2.42 21.46 15.41
N ALA B 492 -3.69 21.13 15.21
CA ALA B 492 -4.07 19.72 15.12
C ALA B 492 -3.39 19.05 13.93
N TYR B 493 -3.23 19.77 12.82
CA TYR B 493 -2.54 19.20 11.66
C TYR B 493 -1.09 18.88 12.00
N ASN B 494 -0.41 19.81 12.69
CA ASN B 494 0.99 19.59 13.04
C ASN B 494 1.16 18.41 14.00
N TYR B 495 0.16 18.16 14.86
CA TYR B 495 0.27 17.01 15.74
C TYR B 495 0.22 15.70 14.95
N VAL B 496 -0.79 15.55 14.08
CA VAL B 496 -0.84 14.38 13.22
C VAL B 496 0.41 14.27 12.37
N LYS B 497 0.91 15.40 11.85
CA LYS B 497 2.06 15.35 10.96
C LYS B 497 3.30 14.85 11.69
N GLN B 498 3.53 15.35 12.91
CA GLN B 498 4.61 14.84 13.74
C GLN B 498 4.44 13.36 14.04
N ALA B 499 3.21 12.95 14.39
CA ALA B 499 2.96 11.53 14.67
C ALA B 499 3.20 10.68 13.43
N SER B 500 2.96 11.23 12.24
CA SER B 500 3.13 10.45 11.02
C SER B 500 4.60 10.11 10.75
N VAL B 501 5.55 10.81 11.38
CA VAL B 501 6.96 10.44 11.22
C VAL B 501 7.17 8.99 11.62
N TRP B 502 6.72 8.61 12.84
CA TRP B 502 6.79 7.18 13.19
C TRP B 502 5.63 6.40 12.58
N GLY B 503 4.47 7.03 12.42
CA GLY B 503 3.28 6.28 12.02
C GLY B 503 3.38 5.67 10.64
N THR B 504 3.91 6.42 9.67
CA THR B 504 4.02 5.89 8.31
C THR B 504 5.15 4.86 8.21
N LYS B 505 6.13 4.91 9.11
CA LYS B 505 7.15 3.87 9.13
C LYS B 505 6.56 2.52 9.53
N TYR B 506 5.69 2.50 10.55
CA TYR B 506 5.04 1.25 10.95
C TYR B 506 3.93 0.83 9.98
N PHE B 507 3.17 1.80 9.45
CA PHE B 507 1.90 1.49 8.82
C PHE B 507 1.73 2.05 7.41
N LYS B 508 2.72 2.79 6.88
CA LYS B 508 2.57 3.56 5.65
C LYS B 508 1.26 4.34 5.71
N ASN B 509 0.47 4.38 4.64
CA ASN B 509 -0.68 5.26 4.68
C ASN B 509 -1.89 4.65 5.37
N ASN B 510 -1.83 3.37 5.77
CA ASN B 510 -2.82 2.87 6.72
C ASN B 510 -2.88 3.76 7.96
N PHE B 511 -1.75 4.40 8.32
CA PHE B 511 -1.70 5.27 9.48
C PHE B 511 -2.80 6.33 9.42
N TYR B 512 -3.06 6.90 8.24
CA TYR B 512 -4.00 8.02 8.15
C TYR B 512 -5.44 7.54 8.29
N LYS B 513 -5.77 6.37 7.75
CA LYS B 513 -7.10 5.82 8.00
C LYS B 513 -7.30 5.54 9.49
N MET B 514 -6.26 5.08 10.17
CA MET B 514 -6.36 4.81 11.60
C MET B 514 -6.53 6.09 12.43
N VAL B 515 -5.95 7.22 11.98
CA VAL B 515 -6.19 8.49 12.67
C VAL B 515 -7.68 8.82 12.69
N PHE B 516 -8.38 8.54 11.59
CA PHE B 516 -9.82 8.80 11.58
C PHE B 516 -10.56 7.83 12.50
N ILE B 517 -10.21 6.54 12.44
CA ILE B 517 -10.83 5.55 13.32
C ILE B 517 -10.61 5.91 14.78
N LYS B 518 -9.37 6.29 15.11
CA LYS B 518 -9.05 6.70 16.47
C LYS B 518 -9.92 7.86 16.93
N THR B 519 -10.12 8.86 16.06
CA THR B 519 -10.94 10.01 16.40
C THR B 519 -12.38 9.59 16.73
N LEU B 520 -12.91 8.61 16.00
CA LEU B 520 -14.26 8.13 16.25
C LEU B 520 -14.34 7.35 17.55
N VAL B 521 -13.44 6.40 17.77
CA VAL B 521 -13.62 5.44 18.86
C VAL B 521 -12.96 5.89 20.16
N ASP B 522 -12.09 6.89 20.13
CA ASP B 522 -11.46 7.41 21.35
C ASP B 522 -11.21 8.90 21.20
N PRO B 523 -12.27 9.70 21.04
CA PRO B 523 -12.09 11.15 20.81
C PRO B 523 -11.40 11.90 21.95
N THR B 524 -11.54 11.45 23.21
CA THR B 524 -10.85 12.12 24.30
C THR B 524 -9.46 11.56 24.53
N ASN B 525 -9.02 10.59 23.73
CA ASN B 525 -7.65 10.12 23.73
C ASN B 525 -7.31 9.47 25.06
N PHE B 526 -8.22 8.62 25.55
CA PHE B 526 -7.94 7.85 26.75
C PHE B 526 -6.72 6.95 26.57
N PHE B 527 -6.61 6.33 25.40
CA PHE B 527 -5.51 5.41 25.15
C PHE B 527 -4.40 6.21 24.48
N THR B 528 -3.45 6.67 25.29
CA THR B 528 -2.39 7.55 24.81
C THR B 528 -1.04 7.11 25.34
N TYR B 529 -0.02 7.14 24.48
CA TYR B 529 1.35 6.85 24.89
C TYR B 529 2.30 7.40 23.82
N GLU B 530 3.58 7.01 23.92
CA GLU B 530 4.62 7.63 23.09
C GLU B 530 4.36 7.42 21.60
N GLN B 531 3.75 6.29 21.23
CA GLN B 531 3.44 6.02 19.82
C GLN B 531 2.01 5.53 19.66
N SER B 532 1.07 6.20 20.32
CA SER B 532 -0.34 5.92 20.11
C SER B 532 -0.85 6.69 18.89
N ILE B 533 -1.72 6.03 18.11
CA ILE B 533 -2.40 6.71 17.01
C ILE B 533 -3.07 7.96 17.58
N PRO B 534 -2.80 9.15 17.04
CA PRO B 534 -3.42 10.37 17.57
C PRO B 534 -4.82 10.55 17.02
N PRO B 535 -5.71 11.17 17.79
CA PRO B 535 -7.00 11.60 17.23
C PRO B 535 -6.84 12.93 16.52
N ILE B 536 -7.87 13.31 15.78
CA ILE B 536 -7.91 14.67 15.23
C ILE B 536 -8.43 15.57 16.33
N LEU B 537 -7.59 16.50 16.77
CA LEU B 537 -7.97 17.48 17.80
C LEU B 537 -8.53 18.74 17.15
PA FAD C . -9.42 17.27 -18.68
O1A FAD C . -10.89 17.12 -18.62
O2A FAD C . -8.93 18.69 -18.99
O5B FAD C . -8.75 16.75 -17.35
C5B FAD C . -9.35 15.67 -16.59
C4B FAD C . -9.45 16.05 -15.13
O4B FAD C . -8.24 16.72 -14.71
C3B FAD C . -10.60 16.99 -14.79
O3B FAD C . -11.14 16.68 -13.50
C2B FAD C . -9.92 18.36 -14.80
O2B FAD C . -10.57 19.30 -13.94
C1B FAD C . -8.53 18.02 -14.26
N9A FAD C . -7.47 18.91 -14.73
C8A FAD C . -7.11 19.15 -16.02
N7A FAD C . -6.12 19.99 -16.16
C5A FAD C . -5.81 20.34 -14.85
C6A FAD C . -4.84 21.21 -14.30
N6A FAD C . -3.98 21.92 -15.04
N1A FAD C . -4.79 21.33 -12.96
C2A FAD C . -5.66 20.63 -12.22
N3A FAD C . -6.61 19.79 -12.62
C4A FAD C . -6.63 19.68 -13.96
N1 FAD C . -6.78 7.63 -20.06
C2 FAD C . -5.84 6.67 -19.81
O2 FAD C . -5.44 6.43 -18.67
N3 FAD C . -5.30 5.94 -20.86
C4 FAD C . -5.63 6.07 -22.19
O4 FAD C . -5.09 5.35 -23.03
C4X FAD C . -6.63 7.09 -22.45
N5 FAD C . -7.00 7.29 -23.68
C5X FAD C . -7.95 8.25 -23.93
C6 FAD C . -8.36 8.48 -25.24
C7 FAD C . -9.31 9.44 -25.55
C7M FAD C . -9.72 9.63 -26.99
C8 FAD C . -9.88 10.20 -24.52
C8M FAD C . -10.91 11.27 -24.81
C9 FAD C . -9.48 9.98 -23.20
C9A FAD C . -8.52 9.03 -22.90
N10 FAD C . -8.09 8.78 -21.58
C10 FAD C . -7.15 7.81 -21.32
C1' FAD C . -8.65 9.54 -20.46
C2' FAD C . -7.87 10.81 -20.14
O2' FAD C . -6.48 10.62 -20.40
C3' FAD C . -8.06 11.16 -18.66
O3' FAD C . -9.46 11.15 -18.37
C4' FAD C . -7.49 12.52 -18.28
O4' FAD C . -7.83 12.82 -16.92
C5' FAD C . -7.99 13.63 -19.19
O5' FAD C . -7.05 14.73 -19.16
P FAD C . -7.28 16.03 -20.01
O1P FAD C . -6.50 17.21 -19.44
O2P FAD C . -7.02 15.72 -21.44
O3P FAD C . -8.82 16.30 -19.79
C1 NAG D . -3.64 15.74 -38.87
C2 NAG D . -4.84 15.94 -39.71
C3 NAG D . -4.62 15.50 -41.11
C4 NAG D . -3.45 16.27 -41.66
C5 NAG D . -2.20 16.16 -40.76
C6 NAG D . -1.06 16.98 -41.31
C7 NAG D . -7.24 15.62 -38.74
C8 NAG D . -7.68 16.97 -39.29
N2 NAG D . -5.88 15.13 -38.97
O3 NAG D . -5.78 15.79 -41.91
O4 NAG D . -3.11 15.74 -42.95
O5 NAG D . -2.45 16.57 -39.36
O6 NAG D . -1.48 18.24 -41.76
O7 NAG D . -8.00 14.93 -38.14
PA FAD E . 2.98 -6.43 25.87
O1A FAD E . 3.99 -5.45 26.33
O2A FAD E . 1.92 -6.79 26.91
O5B FAD E . 2.30 -5.93 24.54
C5B FAD E . 2.98 -5.04 23.64
C4B FAD E . 2.09 -3.88 23.25
O4B FAD E . 0.73 -4.37 23.06
C3B FAD E . 2.00 -2.75 24.27
O3B FAD E . 1.88 -1.49 23.62
C2B FAD E . 0.73 -3.10 25.06
O2B FAD E . 0.12 -1.94 25.61
C1B FAD E . -0.14 -3.70 23.96
N9A FAD E . -1.12 -4.67 24.44
C8A FAD E . -0.87 -5.84 25.11
N7A FAD E . -1.94 -6.52 25.41
C5A FAD E . -2.98 -5.74 24.92
C6A FAD E . -4.38 -5.92 24.92
N6A FAD E . -5.00 -6.97 25.47
N1A FAD E . -5.13 -4.96 24.34
C2A FAD E . -4.52 -3.90 23.80
N3A FAD E . -3.20 -3.63 23.73
C4A FAD E . -2.49 -4.61 24.31
N1 FAD E . 8.02 -10.21 18.01
C2 FAD E . 7.92 -10.72 16.74
O2 FAD E . 7.33 -10.11 15.83
N3 FAD E . 8.48 -11.95 16.45
C4 FAD E . 9.16 -12.77 17.33
O4 FAD E . 9.62 -13.84 16.96
C4X FAD E . 9.27 -12.21 18.67
N5 FAD E . 9.90 -12.91 19.57
C5X FAD E . 10.01 -12.39 20.84
C6 FAD E . 10.68 -13.12 21.82
C7 FAD E . 10.80 -12.64 23.11
C7M FAD E . 11.54 -13.46 24.14
C8 FAD E . 10.25 -11.40 23.45
C8M FAD E . 10.36 -10.85 24.85
C9 FAD E . 9.58 -10.66 22.48
C9A FAD E . 9.44 -11.15 21.19
N10 FAD E . 8.78 -10.43 20.18
C10 FAD E . 8.67 -10.93 18.91
C1' FAD E . 8.18 -9.11 20.47
C2' FAD E . 6.73 -9.20 20.95
O2' FAD E . 6.04 -10.26 20.29
C3' FAD E . 6.02 -7.88 20.67
O3' FAD E . 6.79 -6.82 21.22
C4' FAD E . 4.61 -7.81 21.25
O4' FAD E . 4.04 -6.53 20.95
C5' FAD E . 4.60 -8.06 22.75
O5' FAD E . 3.32 -8.58 23.13
P FAD E . 3.00 -8.95 24.63
O1P FAD E . 1.50 -8.89 24.91
O2P FAD E . 3.66 -10.24 24.95
O3P FAD E . 3.70 -7.78 25.43
C1 NAG F . 38.72 -16.57 -0.74
C2 NAG F . 39.90 -17.11 0.05
C3 NAG F . 41.13 -16.29 -0.10
C4 NAG F . 41.46 -15.91 -1.52
C5 NAG F . 40.24 -15.32 -2.22
C6 NAG F . 40.56 -15.04 -3.67
C7 NAG F . 40.05 -18.18 2.40
C8 NAG F . 39.70 -18.16 3.88
N2 NAG F . 39.55 -17.11 1.51
O3 NAG F . 42.26 -17.01 0.46
O4 NAG F . 42.50 -14.94 -1.52
O5 NAG F . 39.11 -16.23 -2.17
O6 NAG F . 39.44 -14.46 -4.29
O7 NAG F . 40.73 -19.05 1.96
C1 NAG G . 8.74 -25.42 36.05
C2 NAG G . 8.81 -26.72 36.84
C3 NAG G . 9.61 -26.53 38.09
C4 NAG G . 10.94 -25.87 37.91
C5 NAG G . 10.82 -24.58 37.12
C6 NAG G . 12.20 -24.04 36.79
C7 NAG G . 6.86 -28.47 36.95
C8 NAG G . 5.50 -28.84 37.50
N2 NAG G . 7.45 -27.16 37.31
O3 NAG G . 9.80 -27.81 38.75
O4 NAG G . 11.49 -25.55 39.19
O5 NAG G . 10.12 -24.80 35.86
O6 NAG G . 12.86 -24.94 35.95
O7 NAG G . 7.43 -29.21 36.22
#